data_2X00
#
_entry.id   2X00
#
_cell.length_a   74.430
_cell.length_b   124.320
_cell.length_c   130.540
_cell.angle_alpha   90.00
_cell.angle_beta   90.00
_cell.angle_gamma   90.00
#
_symmetry.space_group_name_H-M   'P 21 21 21'
#
loop_
_entity.id
_entity.type
_entity.pdbx_description
1 polymer 'SOLUBLE ACETYLCHOLINE RECEPTOR'
2 polymer 'SOLUBLE ACETYLCHOLINE RECEPTOR'
3 non-polymer 'GYMNODIMINE A'
4 water water
#
loop_
_entity_poly.entity_id
_entity_poly.type
_entity_poly.pdbx_seq_one_letter_code
_entity_poly.pdbx_strand_id
1 'polypeptide(L)'
;DYKDDDDKLHSQANLMRLKSDLFNRSPMYPGPTKDDPLTVTLGFTLQDIVKADSSTNEVDLVYYEQQRWKLNSLMWDPNE
YGNITDFRTSAADIWTPDITAYSSTRPVQVLSPQIAVVTHDGSVMFIPAQRLSFMCDPTGVDSEEGATCAVKFGSWVYSG
FEIDLKTDTDQVDLSSYYASSKYEILSATQTRQVQHYSCCPEPYIDVNLVVKFRERRAGNGFFRNLFD
;
A,B,C,E
2 'polypeptide(L)'
;DYKDDDDLHSQANLMRLKSDLFNRSPMYPGPTKDDPLTVTLGFTLQDIVKADSSTNEVDLVYYEQQRWKLNSLMWDPNEY
GNITDFRTSAADIWTPDITAYSSTRPVQVLSPQIAVVTHDGSVMFIPAQRLSFMCDPTGVDSEEGATCAVKFGSWVYSGF
EIDLKTDTDQVDLSSYYASSKYEILSATQTRQVQHYSCCPEPYIDVNLVVKFRERRAGNGFFRNLFD
;
D
#
loop_
_chem_comp.id
_chem_comp.type
_chem_comp.name
_chem_comp.formula
GYN non-polymer 'GYMNODIMINE A' 'C32 H47 N O4'
#
# COMPACT_ATOMS: atom_id res chain seq x y z
N TYR A 2 -23.07 19.26 -39.55
CA TYR A 2 -22.49 18.18 -38.70
C TYR A 2 -21.39 18.70 -37.77
N LYS A 3 -21.30 20.03 -37.64
CA LYS A 3 -20.31 20.68 -36.79
C LYS A 3 -20.61 20.53 -35.28
N ASP A 4 -21.37 19.51 -34.91
CA ASP A 4 -21.62 19.17 -33.51
C ASP A 4 -20.38 18.52 -32.91
N ASP A 5 -20.37 17.18 -32.88
CA ASP A 5 -19.24 16.39 -32.43
C ASP A 5 -18.05 16.48 -33.40
N ASP A 6 -18.10 17.46 -34.30
CA ASP A 6 -16.98 17.78 -35.18
C ASP A 6 -16.07 18.81 -34.51
N ASP A 7 -16.66 19.76 -33.80
CA ASP A 7 -15.94 20.68 -32.94
C ASP A 7 -15.42 19.92 -31.72
N LYS A 8 -16.25 19.03 -31.17
CA LYS A 8 -15.88 18.23 -30.01
C LYS A 8 -14.70 17.30 -30.31
N LEU A 9 -14.75 16.65 -31.48
CA LEU A 9 -13.63 15.80 -31.93
C LEU A 9 -12.34 16.60 -32.09
N HIS A 10 -12.44 17.80 -32.65
CA HIS A 10 -11.28 18.68 -32.87
C HIS A 10 -10.70 19.16 -31.54
N SER A 11 -11.55 19.36 -30.55
CA SER A 11 -11.11 19.85 -29.24
C SER A 11 -10.44 18.75 -28.43
N GLN A 12 -10.95 17.52 -28.54
CA GLN A 12 -10.34 16.37 -27.90
C GLN A 12 -8.99 16.04 -28.53
N ALA A 13 -8.95 16.09 -29.87
CA ALA A 13 -7.73 15.86 -30.63
C ALA A 13 -6.64 16.89 -30.30
N ASN A 14 -7.06 18.15 -30.12
CA ASN A 14 -6.12 19.21 -29.74
C ASN A 14 -5.54 19.00 -28.35
N LEU A 15 -6.39 18.64 -27.39
CA LEU A 15 -5.96 18.39 -26.02
C LEU A 15 -4.90 17.29 -25.98
N MET A 16 -5.20 16.18 -26.65
CA MET A 16 -4.26 15.06 -26.75
C MET A 16 -2.99 15.42 -27.54
N ARG A 17 -3.13 16.31 -28.51
CA ARG A 17 -1.97 16.81 -29.26
C ARG A 17 -1.07 17.65 -28.34
N LEU A 18 -1.69 18.47 -27.50
CA LEU A 18 -0.98 19.35 -26.59
C LEU A 18 -0.19 18.58 -25.51
N LYS A 19 -0.87 17.66 -24.83
CA LYS A 19 -0.25 16.83 -23.81
C LYS A 19 0.92 16.01 -24.39
N SER A 20 0.74 15.53 -25.61
CA SER A 20 1.77 14.77 -26.32
C SER A 20 2.98 15.65 -26.63
N ASP A 21 2.72 16.89 -27.06
CA ASP A 21 3.78 17.86 -27.36
C ASP A 21 4.54 18.31 -26.11
N LEU A 22 3.90 18.25 -24.96
CA LEU A 22 4.54 18.63 -23.70
C LEU A 22 5.29 17.48 -23.03
N PHE A 23 4.71 16.28 -23.08
CA PHE A 23 5.24 15.14 -22.32
C PHE A 23 5.95 14.06 -23.15
N ASN A 24 6.08 14.28 -24.45
CA ASN A 24 6.78 13.34 -25.34
C ASN A 24 7.77 14.00 -26.30
N ARG A 25 7.36 15.13 -26.88
CA ARG A 25 8.20 15.87 -27.82
C ARG A 25 9.25 16.73 -27.11
N SER A 26 9.17 16.78 -25.77
CA SER A 26 10.11 17.55 -24.96
C SER A 26 10.68 16.74 -23.79
N PRO A 27 12.02 16.80 -23.58
CA PRO A 27 12.74 15.99 -22.58
C PRO A 27 12.24 16.21 -21.14
N MET A 28 12.29 15.15 -20.33
CA MET A 28 11.76 15.18 -18.96
C MET A 28 12.43 16.26 -18.08
N TYR A 29 11.58 17.06 -17.41
CA TYR A 29 12.04 18.18 -16.57
C TYR A 29 12.90 17.67 -15.41
N PRO A 30 14.15 18.16 -15.34
CA PRO A 30 15.12 17.63 -14.38
C PRO A 30 15.05 18.29 -13.01
N GLY A 31 14.04 19.14 -12.80
CA GLY A 31 13.93 19.89 -11.57
C GLY A 31 14.64 21.23 -11.64
N PRO A 32 14.40 22.11 -10.65
CA PRO A 32 15.03 23.42 -10.60
C PRO A 32 16.53 23.36 -10.30
N THR A 33 17.26 24.37 -10.77
CA THR A 33 18.68 24.50 -10.49
C THR A 33 18.96 25.91 -9.99
N LYS A 34 20.21 26.18 -9.58
CA LYS A 34 20.61 27.52 -9.14
C LYS A 34 20.52 28.54 -10.28
N ASP A 35 20.65 28.06 -11.52
CA ASP A 35 20.51 28.91 -12.69
C ASP A 35 19.09 28.91 -13.26
N ASP A 36 18.29 27.91 -12.88
CA ASP A 36 16.87 27.91 -13.23
C ASP A 36 15.97 27.65 -12.01
N PRO A 37 15.93 28.59 -11.07
CA PRO A 37 15.25 28.34 -9.80
C PRO A 37 13.75 28.51 -9.92
N LEU A 38 13.03 28.04 -8.90
CA LEU A 38 11.60 27.99 -8.93
C LEU A 38 11.04 28.66 -7.67
N THR A 39 9.91 29.34 -7.82
CA THR A 39 9.18 29.89 -6.69
C THR A 39 7.86 29.13 -6.49
N VAL A 40 7.77 28.43 -5.37
CA VAL A 40 6.56 27.74 -5.00
C VAL A 40 5.79 28.62 -4.04
N THR A 41 4.54 28.92 -4.39
CA THR A 41 3.68 29.69 -3.50
C THR A 41 2.82 28.72 -2.71
N LEU A 42 2.87 28.87 -1.39
CA LEU A 42 2.26 27.92 -0.47
C LEU A 42 1.23 28.62 0.41
N GLY A 43 0.03 28.06 0.47
CA GLY A 43 -1.00 28.54 1.39
C GLY A 43 -1.84 27.41 1.96
N PHE A 44 -2.25 27.56 3.22
CA PHE A 44 -3.02 26.53 3.89
C PHE A 44 -4.47 26.91 4.13
N THR A 45 -5.34 25.92 3.96
CA THR A 45 -6.75 26.03 4.31
C THR A 45 -7.01 25.02 5.42
N LEU A 46 -7.18 25.49 6.65
CA LEU A 46 -7.35 24.59 7.78
C LEU A 46 -8.81 24.17 7.90
N GLN A 47 -9.06 22.87 7.79
CA GLN A 47 -10.41 22.33 7.80
C GLN A 47 -10.83 21.78 9.16
N ASP A 48 -9.92 21.06 9.82
CA ASP A 48 -10.25 20.40 11.08
C ASP A 48 -9.03 20.02 11.89
N ILE A 49 -9.14 20.21 13.20
CA ILE A 49 -8.28 19.54 14.15
C ILE A 49 -9.10 18.38 14.65
N VAL A 50 -8.75 17.18 14.19
CA VAL A 50 -9.53 16.00 14.48
C VAL A 50 -9.32 15.55 15.91
N LYS A 51 -8.05 15.52 16.33
CA LYS A 51 -7.66 14.86 17.56
C LYS A 51 -6.42 15.52 18.17
N ALA A 52 -6.40 15.58 19.50
CA ALA A 52 -5.26 16.07 20.26
C ALA A 52 -4.94 15.03 21.34
N ASP A 53 -3.92 14.22 21.09
CA ASP A 53 -3.58 13.11 21.98
C ASP A 53 -2.51 13.55 22.98
N SER A 54 -2.92 13.74 24.23
CA SER A 54 -2.01 14.25 25.26
C SER A 54 -1.16 13.16 25.90
N SER A 55 -1.44 11.90 25.55
CA SER A 55 -0.63 10.77 26.04
C SER A 55 0.59 10.51 25.15
N THR A 56 0.59 11.05 23.93
CA THR A 56 1.77 10.93 23.05
C THR A 56 2.27 12.27 22.55
N ASN A 57 1.52 13.34 22.85
CA ASN A 57 1.72 14.67 22.26
C ASN A 57 1.77 14.66 20.72
N GLU A 58 0.70 14.12 20.13
CA GLU A 58 0.48 14.21 18.70
C GLU A 58 -0.88 14.84 18.48
N VAL A 59 -0.95 15.74 17.50
CA VAL A 59 -2.23 16.33 17.10
C VAL A 59 -2.46 16.02 15.63
N ASP A 60 -3.71 15.73 15.27
CA ASP A 60 -4.06 15.43 13.89
C ASP A 60 -4.81 16.58 13.28
N LEU A 61 -4.30 17.04 12.15
CA LEU A 61 -4.88 18.14 11.42
C LEU A 61 -5.39 17.64 10.08
N VAL A 62 -6.50 18.23 9.62
CA VAL A 62 -6.92 18.09 8.23
C VAL A 62 -6.96 19.47 7.57
N TYR A 63 -6.34 19.59 6.40
CA TYR A 63 -6.18 20.86 5.68
C TYR A 63 -6.00 20.63 4.18
N TYR A 64 -6.22 21.68 3.39
CA TYR A 64 -5.82 21.66 1.98
C TYR A 64 -4.54 22.47 1.88
N GLU A 65 -3.55 21.93 1.17
CA GLU A 65 -2.26 22.60 1.00
C GLU A 65 -2.13 23.11 -0.43
N GLN A 66 -2.40 24.39 -0.63
CA GLN A 66 -2.30 24.99 -1.95
C GLN A 66 -0.86 25.21 -2.38
N GLN A 67 -0.50 24.65 -3.52
CA GLN A 67 0.84 24.81 -4.10
C GLN A 67 0.70 25.32 -5.50
N ARG A 68 1.48 26.33 -5.84
N ARG A 68 1.47 26.34 -5.85
CA ARG A 68 1.49 26.90 -7.18
CA ARG A 68 1.47 26.85 -7.22
C ARG A 68 2.92 27.23 -7.60
C ARG A 68 2.83 27.35 -7.67
N TRP A 69 3.24 26.92 -8.85
CA TRP A 69 4.55 27.26 -9.43
C TRP A 69 4.43 27.44 -10.93
N LYS A 70 5.50 27.85 -11.58
CA LYS A 70 5.46 28.20 -13.00
C LYS A 70 6.69 27.68 -13.74
N LEU A 71 6.48 27.02 -14.88
CA LEU A 71 7.57 26.49 -15.68
C LEU A 71 7.43 26.85 -17.16
N ASN A 72 8.53 27.33 -17.75
CA ASN A 72 8.59 27.62 -19.18
C ASN A 72 8.29 26.39 -20.04
N SER A 73 8.80 25.24 -19.60
CA SER A 73 8.60 23.99 -20.32
C SER A 73 7.13 23.54 -20.38
N LEU A 74 6.26 24.22 -19.62
CA LEU A 74 4.83 23.92 -19.63
C LEU A 74 3.97 25.01 -20.27
N MET A 75 4.62 26.03 -20.83
CA MET A 75 3.92 27.09 -21.54
C MET A 75 3.48 26.64 -22.93
N TRP A 76 2.40 27.23 -23.42
CA TRP A 76 1.99 27.02 -24.82
C TRP A 76 1.19 28.22 -25.32
N ASP A 77 1.09 28.33 -26.63
CA ASP A 77 0.24 29.32 -27.27
C ASP A 77 -1.11 28.66 -27.49
N PRO A 78 -2.18 29.20 -26.87
CA PRO A 78 -3.52 28.64 -27.03
C PRO A 78 -4.03 28.60 -28.47
N ASN A 79 -3.53 29.51 -29.31
CA ASN A 79 -3.90 29.58 -30.72
C ASN A 79 -3.48 28.37 -31.53
N GLU A 80 -2.32 27.81 -31.19
CA GLU A 80 -1.83 26.60 -31.85
C GLU A 80 -2.59 25.34 -31.39
N TYR A 81 -3.45 25.48 -30.37
CA TYR A 81 -4.18 24.33 -29.82
C TYR A 81 -5.69 24.57 -29.58
N GLY A 82 -6.33 25.28 -30.51
CA GLY A 82 -7.77 25.50 -30.46
C GLY A 82 -8.30 26.16 -29.20
N ASN A 83 -7.60 27.19 -28.74
CA ASN A 83 -8.02 28.01 -27.59
C ASN A 83 -7.98 27.37 -26.19
N ILE A 84 -7.47 26.15 -26.10
CA ILE A 84 -7.28 25.51 -24.80
C ILE A 84 -6.35 26.38 -23.96
N THR A 85 -6.84 26.74 -22.78
CA THR A 85 -6.12 27.62 -21.86
C THR A 85 -5.56 26.85 -20.67
N ASP A 86 -6.13 25.68 -20.39
CA ASP A 86 -5.69 24.85 -19.26
C ASP A 86 -6.17 23.42 -19.40
N PHE A 87 -5.45 22.49 -18.76
CA PHE A 87 -5.86 21.09 -18.72
C PHE A 87 -5.61 20.44 -17.36
N ARG A 88 -6.26 19.30 -17.11
CA ARG A 88 -6.05 18.57 -15.86
C ARG A 88 -5.16 17.37 -16.12
N THR A 89 -4.33 17.03 -15.15
CA THR A 89 -3.43 15.90 -15.30
C THR A 89 -3.07 15.24 -13.97
N SER A 90 -2.82 13.94 -14.02
CA SER A 90 -2.32 13.22 -12.86
C SER A 90 -1.02 13.86 -12.40
N ALA A 91 -0.89 14.08 -11.09
CA ALA A 91 0.29 14.69 -10.50
C ALA A 91 1.56 13.90 -10.79
N ALA A 92 1.40 12.60 -11.06
CA ALA A 92 2.52 11.71 -11.36
C ALA A 92 3.15 11.95 -12.74
N ASP A 93 2.41 12.58 -13.64
CA ASP A 93 2.89 12.86 -15.00
C ASP A 93 3.69 14.17 -15.08
N ILE A 94 3.78 14.87 -13.95
CA ILE A 94 4.53 16.12 -13.88
C ILE A 94 5.43 16.14 -12.66
N TRP A 95 6.47 16.98 -12.72
CA TRP A 95 7.28 17.28 -11.55
C TRP A 95 6.46 18.07 -10.54
N THR A 96 6.58 17.70 -9.27
CA THR A 96 5.94 18.43 -8.17
C THR A 96 6.96 18.68 -7.06
N PRO A 97 6.84 19.79 -6.33
CA PRO A 97 7.86 20.06 -5.30
C PRO A 97 7.75 19.12 -4.10
N ASP A 98 8.87 18.91 -3.42
CA ASP A 98 8.95 17.97 -2.32
C ASP A 98 8.66 18.62 -0.96
N ILE A 99 7.60 19.44 -0.91
CA ILE A 99 7.21 20.11 0.32
C ILE A 99 6.80 19.09 1.39
N THR A 100 7.44 19.18 2.54
CA THR A 100 7.32 18.19 3.59
C THR A 100 7.14 18.91 4.92
N ALA A 101 6.29 18.34 5.77
CA ALA A 101 6.19 18.73 7.18
C ALA A 101 7.45 18.25 7.90
N TYR A 102 8.03 19.11 8.73
CA TYR A 102 9.32 18.81 9.36
C TYR A 102 9.21 18.05 10.67
N SER A 103 8.00 17.98 11.21
CA SER A 103 7.81 17.32 12.49
C SER A 103 6.58 16.42 12.54
N SER A 104 6.24 15.83 11.40
CA SER A 104 5.21 14.81 11.36
C SER A 104 5.70 13.58 12.14
N THR A 105 4.76 12.82 12.70
CA THR A 105 5.09 11.60 13.44
C THR A 105 4.59 10.33 12.75
N ARG A 106 3.91 10.53 11.62
CA ARG A 106 3.32 9.46 10.82
C ARG A 106 3.30 9.96 9.38
N PRO A 107 3.36 9.04 8.40
CA PRO A 107 3.32 9.51 7.01
C PRO A 107 2.01 10.25 6.73
N VAL A 108 2.09 11.35 6.01
CA VAL A 108 0.90 12.10 5.64
C VAL A 108 -0.03 11.18 4.87
N GLN A 109 -1.33 11.39 5.06
CA GLN A 109 -2.35 10.65 4.33
C GLN A 109 -3.08 11.61 3.39
N VAL A 110 -3.06 11.27 2.12
CA VAL A 110 -3.69 12.06 1.07
C VAL A 110 -5.19 11.75 1.00
N LEU A 111 -6.01 12.79 1.06
CA LEU A 111 -7.47 12.63 1.05
C LEU A 111 -8.13 12.90 -0.29
N SER A 112 -7.39 13.55 -1.19
CA SER A 112 -7.92 13.98 -2.48
C SER A 112 -7.22 13.26 -3.65
N PRO A 113 -7.86 13.24 -4.84
CA PRO A 113 -7.27 12.65 -6.05
C PRO A 113 -6.03 13.44 -6.44
N GLN A 114 -4.94 12.75 -6.81
CA GLN A 114 -3.67 13.46 -7.02
C GLN A 114 -3.59 14.04 -8.43
N ILE A 115 -4.35 15.12 -8.65
CA ILE A 115 -4.47 15.74 -9.97
C ILE A 115 -4.14 17.24 -9.88
N ALA A 116 -3.37 17.73 -10.85
CA ALA A 116 -3.02 19.14 -10.92
C ALA A 116 -3.67 19.82 -12.13
N VAL A 117 -3.68 21.14 -12.11
CA VAL A 117 -4.21 21.90 -13.24
C VAL A 117 -3.08 22.75 -13.80
N VAL A 118 -2.82 22.58 -15.10
CA VAL A 118 -1.77 23.33 -15.78
C VAL A 118 -2.39 24.37 -16.70
N THR A 119 -1.95 25.62 -16.56
CA THR A 119 -2.43 26.73 -17.39
C THR A 119 -1.40 27.10 -18.45
N HIS A 120 -1.87 27.70 -19.55
CA HIS A 120 -1.04 28.00 -20.73
C HIS A 120 0.18 28.88 -20.46
N ASP A 121 0.17 29.65 -19.39
CA ASP A 121 1.32 30.47 -19.02
C ASP A 121 2.42 29.63 -18.36
N GLY A 122 2.17 28.32 -18.25
CA GLY A 122 3.10 27.40 -17.60
C GLY A 122 2.87 27.23 -16.11
N SER A 123 1.87 27.92 -15.56
CA SER A 123 1.60 27.77 -14.14
C SER A 123 0.79 26.51 -13.80
N VAL A 124 1.07 25.97 -12.62
CA VAL A 124 0.48 24.72 -12.18
C VAL A 124 -0.17 24.98 -10.85
N MET A 125 -1.41 24.52 -10.72
CA MET A 125 -2.15 24.54 -9.47
C MET A 125 -2.31 23.13 -8.95
N PHE A 126 -1.91 22.93 -7.70
CA PHE A 126 -1.96 21.62 -7.09
C PHE A 126 -2.34 21.81 -5.64
N ILE A 127 -3.50 21.23 -5.26
CA ILE A 127 -4.06 21.44 -3.91
C ILE A 127 -4.47 20.11 -3.25
N PRO A 128 -3.49 19.34 -2.74
CA PRO A 128 -3.83 18.11 -2.03
C PRO A 128 -4.43 18.36 -0.64
N ALA A 129 -5.51 17.65 -0.35
CA ALA A 129 -6.09 17.56 0.99
C ALA A 129 -5.33 16.49 1.76
N GLN A 130 -4.96 16.80 3.00
CA GLN A 130 -4.12 15.89 3.77
C GLN A 130 -4.60 15.74 5.21
N ARG A 131 -4.40 14.54 5.77
CA ARG A 131 -4.41 14.39 7.22
C ARG A 131 -2.97 14.25 7.70
N LEU A 132 -2.62 15.01 8.73
CA LEU A 132 -1.27 15.05 9.25
C LEU A 132 -1.25 14.85 10.77
N SER A 133 -0.42 13.92 11.23
CA SER A 133 -0.09 13.81 12.66
C SER A 133 1.26 14.46 12.88
N PHE A 134 1.33 15.43 13.78
CA PHE A 134 2.58 16.14 14.02
C PHE A 134 2.79 16.39 15.52
N MET A 135 4.04 16.72 15.89
CA MET A 135 4.41 16.89 17.30
C MET A 135 3.79 18.14 17.91
N CYS A 136 2.93 17.93 18.89
CA CYS A 136 2.18 19.01 19.49
C CYS A 136 1.72 18.68 20.91
N ASP A 137 2.12 19.51 21.88
CA ASP A 137 1.72 19.38 23.27
C ASP A 137 0.44 20.21 23.48
N PRO A 138 -0.71 19.54 23.70
CA PRO A 138 -1.98 20.23 23.77
C PRO A 138 -2.37 20.72 25.17
N THR A 139 -1.42 20.73 26.11
CA THR A 139 -1.67 21.32 27.43
C THR A 139 -2.14 22.76 27.23
N GLY A 140 -3.24 23.11 27.88
CA GLY A 140 -3.86 24.42 27.70
C GLY A 140 -5.10 24.38 26.81
N VAL A 141 -5.28 23.28 26.07
CA VAL A 141 -6.44 23.15 25.19
C VAL A 141 -7.77 23.37 25.93
N ASP A 142 -7.78 23.05 27.22
CA ASP A 142 -8.95 23.24 28.06
C ASP A 142 -8.94 24.60 28.79
N SER A 143 -8.56 25.66 28.06
CA SER A 143 -8.49 27.01 28.61
C SER A 143 -8.95 28.06 27.59
N GLU A 144 -9.15 29.30 28.04
CA GLU A 144 -9.60 30.37 27.15
C GLU A 144 -8.58 30.69 26.05
N GLU A 145 -7.32 30.88 26.43
CA GLU A 145 -6.26 31.13 25.45
C GLU A 145 -5.82 29.86 24.68
N GLY A 146 -6.28 28.70 25.15
CA GLY A 146 -6.09 27.43 24.46
C GLY A 146 -4.66 26.92 24.48
N ALA A 147 -4.36 26.05 23.52
CA ALA A 147 -3.01 25.53 23.32
C ALA A 147 -2.44 26.07 22.03
N THR A 148 -1.12 26.14 21.96
CA THR A 148 -0.45 26.62 20.77
C THR A 148 0.44 25.51 20.25
N CYS A 149 0.29 25.20 18.97
CA CYS A 149 1.22 24.29 18.31
C CYS A 149 1.65 24.83 16.95
N ALA A 150 2.73 24.26 16.43
CA ALA A 150 3.37 24.76 15.23
C ALA A 150 4.03 23.62 14.49
N VAL A 151 4.05 23.73 13.17
CA VAL A 151 4.74 22.77 12.33
C VAL A 151 5.26 23.49 11.07
N LYS A 152 6.53 23.29 10.78
CA LYS A 152 7.17 23.92 9.63
C LYS A 152 7.05 23.04 8.38
N PHE A 153 6.87 23.69 7.24
CA PHE A 153 6.80 23.01 5.95
C PHE A 153 7.86 23.57 5.01
N GLY A 154 8.59 22.67 4.35
CA GLY A 154 9.61 23.12 3.42
C GLY A 154 10.05 22.01 2.50
N SER A 155 10.89 22.37 1.55
CA SER A 155 11.51 21.40 0.68
C SER A 155 12.44 20.51 1.53
N TRP A 156 12.45 19.21 1.24
CA TRP A 156 13.31 18.31 2.01
C TRP A 156 14.76 18.37 1.52
N VAL A 157 14.95 18.48 0.22
CA VAL A 157 16.29 18.35 -0.38
C VAL A 157 16.84 19.61 -1.09
N TYR A 158 15.99 20.60 -1.32
CA TYR A 158 16.35 21.81 -2.08
C TYR A 158 16.48 23.05 -1.19
N SER A 159 17.52 23.85 -1.44
CA SER A 159 17.68 25.11 -0.71
C SER A 159 16.87 26.20 -1.40
N GLY A 160 16.79 27.37 -0.75
CA GLY A 160 16.08 28.53 -1.27
C GLY A 160 16.65 29.07 -2.56
N PHE A 161 17.90 28.74 -2.85
CA PHE A 161 18.49 29.06 -4.15
C PHE A 161 17.94 28.22 -5.31
N GLU A 162 17.36 27.06 -5.01
CA GLU A 162 16.71 26.23 -6.04
C GLU A 162 15.18 26.31 -5.99
N ILE A 163 14.61 26.14 -4.81
CA ILE A 163 13.16 26.34 -4.61
C ILE A 163 12.94 27.45 -3.60
N ASP A 164 12.46 28.58 -4.09
CA ASP A 164 12.06 29.64 -3.19
C ASP A 164 10.62 29.42 -2.77
N LEU A 165 10.32 29.75 -1.53
CA LEU A 165 9.04 29.47 -0.95
C LEU A 165 8.42 30.82 -0.61
N LYS A 166 7.12 30.92 -0.83
CA LYS A 166 6.43 32.20 -0.71
C LYS A 166 5.00 31.98 -0.17
N THR A 167 4.47 33.00 0.48
CA THR A 167 3.05 33.05 0.84
C THR A 167 2.41 34.28 0.18
N ASP A 168 1.13 34.20 -0.13
CA ASP A 168 0.36 35.41 -0.52
C ASP A 168 -0.02 36.22 0.71
N THR A 169 -0.20 35.54 1.84
CA THR A 169 -0.68 36.15 3.06
C THR A 169 -0.18 35.33 4.24
N ASP A 170 -0.08 35.94 5.41
CA ASP A 170 0.26 35.17 6.60
C ASP A 170 -0.95 34.59 7.34
N GLN A 171 -2.15 34.93 6.87
CA GLN A 171 -3.38 34.43 7.47
C GLN A 171 -3.80 33.10 6.85
N VAL A 172 -3.90 32.06 7.67
CA VAL A 172 -4.43 30.77 7.23
C VAL A 172 -5.92 30.93 6.89
N ASP A 173 -6.33 30.30 5.79
CA ASP A 173 -7.72 30.31 5.37
C ASP A 173 -8.55 29.42 6.33
N LEU A 174 -9.37 30.05 7.16
CA LEU A 174 -10.27 29.33 8.08
C LEU A 174 -11.74 29.41 7.66
N SER A 175 -11.98 29.83 6.41
CA SER A 175 -13.36 29.97 5.91
C SER A 175 -14.07 28.62 5.69
N SER A 176 -13.30 27.53 5.63
CA SER A 176 -13.87 26.18 5.57
C SER A 176 -13.66 25.34 6.84
N TYR A 177 -13.21 25.98 7.94
CA TYR A 177 -13.00 25.24 9.19
C TYR A 177 -14.32 24.63 9.71
N TYR A 178 -14.26 23.36 10.09
CA TYR A 178 -15.44 22.60 10.50
C TYR A 178 -16.03 23.16 11.80
N ALA A 179 -17.26 23.68 11.69
CA ALA A 179 -17.88 24.47 12.75
C ALA A 179 -18.32 23.63 13.95
N SER A 180 -18.44 22.32 13.75
CA SER A 180 -18.78 21.42 14.85
C SER A 180 -17.59 20.58 15.30
N SER A 181 -16.38 21.05 14.99
CA SER A 181 -15.17 20.39 15.45
C SER A 181 -15.12 20.31 16.98
N LYS A 182 -14.38 19.33 17.51
CA LYS A 182 -14.16 19.29 18.96
C LYS A 182 -13.34 20.48 19.39
N TYR A 183 -12.59 21.06 18.45
CA TYR A 183 -11.70 22.17 18.77
C TYR A 183 -12.03 23.41 17.96
N GLU A 184 -12.04 24.58 18.60
CA GLU A 184 -12.25 25.82 17.86
C GLU A 184 -10.94 26.58 17.67
N ILE A 185 -10.81 27.24 16.52
CA ILE A 185 -9.57 27.94 16.20
C ILE A 185 -9.60 29.34 16.76
N LEU A 186 -8.55 29.68 17.50
CA LEU A 186 -8.40 31.03 18.01
C LEU A 186 -7.58 31.85 17.01
N SER A 187 -6.50 31.26 16.51
CA SER A 187 -5.76 31.83 15.38
C SER A 187 -4.92 30.79 14.68
N ALA A 188 -4.59 31.10 13.42
CA ALA A 188 -3.79 30.22 12.57
C ALA A 188 -3.04 31.11 11.59
N THR A 189 -1.71 31.04 11.66
CA THR A 189 -0.86 31.83 10.79
C THR A 189 0.12 30.92 10.05
N GLN A 190 0.63 31.41 8.92
CA GLN A 190 1.63 30.73 8.10
C GLN A 190 2.71 31.76 7.76
N THR A 191 3.89 31.57 8.32
CA THR A 191 4.94 32.60 8.28
C THR A 191 6.20 32.02 7.66
N ARG A 192 6.72 32.72 6.66
CA ARG A 192 7.94 32.32 5.97
C ARG A 192 9.17 32.60 6.86
N GLN A 193 10.05 31.60 6.96
CA GLN A 193 11.27 31.71 7.78
C GLN A 193 12.53 31.35 7.00
N VAL A 194 13.64 32.01 7.33
CA VAL A 194 14.93 31.75 6.70
C VAL A 194 15.95 31.39 7.75
N GLN A 195 16.83 30.43 7.44
CA GLN A 195 18.01 30.16 8.27
C GLN A 195 19.16 29.57 7.45
N HIS A 196 20.32 29.47 8.10
CA HIS A 196 21.48 28.84 7.50
C HIS A 196 21.96 27.68 8.33
N TYR A 197 22.53 26.67 7.67
CA TYR A 197 23.13 25.52 8.35
C TYR A 197 24.62 25.49 8.10
N SER A 198 25.35 24.82 8.98
CA SER A 198 26.81 24.77 8.88
C SER A 198 27.30 24.04 7.62
N CYS A 199 26.53 23.08 7.14
CA CYS A 199 26.84 22.34 5.90
C CYS A 199 27.03 23.24 4.69
N CYS A 200 26.24 24.31 4.61
CA CYS A 200 25.94 24.92 3.34
C CYS A 200 25.89 26.45 3.40
N PRO A 201 26.24 27.13 2.29
CA PRO A 201 26.13 28.59 2.21
C PRO A 201 24.72 29.06 1.84
N GLU A 202 23.90 28.15 1.33
CA GLU A 202 22.55 28.48 0.83
C GLU A 202 21.55 28.71 1.96
N PRO A 203 20.63 29.68 1.78
CA PRO A 203 19.54 29.84 2.73
C PRO A 203 18.56 28.68 2.59
N TYR A 204 17.98 28.27 3.72
CA TYR A 204 16.94 27.25 3.76
C TYR A 204 15.65 27.85 4.28
N ILE A 205 14.57 27.57 3.54
CA ILE A 205 13.30 28.26 3.71
C ILE A 205 12.22 27.29 4.13
N ASP A 206 11.30 27.79 4.95
CA ASP A 206 10.16 27.02 5.39
C ASP A 206 9.01 27.96 5.71
N VAL A 207 7.81 27.39 5.82
CA VAL A 207 6.63 28.10 6.24
C VAL A 207 6.15 27.46 7.53
N ASN A 208 6.12 28.26 8.59
CA ASN A 208 5.71 27.81 9.90
C ASN A 208 4.21 28.01 10.08
N LEU A 209 3.48 26.88 10.11
CA LEU A 209 2.06 26.89 10.43
C LEU A 209 1.88 26.86 11.95
N VAL A 210 1.45 27.99 12.50
CA VAL A 210 1.22 28.11 13.94
C VAL A 210 -0.28 28.12 14.19
N VAL A 211 -0.74 27.17 14.99
CA VAL A 211 -2.18 27.04 15.28
C VAL A 211 -2.47 27.16 16.79
N LYS A 212 -3.44 28.02 17.10
CA LYS A 212 -3.86 28.29 18.47
C LYS A 212 -5.31 27.82 18.57
N PHE A 213 -5.57 26.91 19.50
CA PHE A 213 -6.85 26.21 19.53
C PHE A 213 -7.28 25.79 20.94
N ARG A 214 -8.58 25.63 21.13
CA ARG A 214 -9.12 25.18 22.42
C ARG A 214 -10.30 24.26 22.22
N GLU A 215 -10.62 23.49 23.26
CA GLU A 215 -11.81 22.66 23.26
C GLU A 215 -13.06 23.51 23.09
N ARG A 216 -13.87 23.17 22.09
CA ARG A 216 -15.14 23.83 21.85
C ARG A 216 -16.19 23.31 22.83
N ARG A 217 -16.87 24.22 23.50
CA ARG A 217 -17.89 23.84 24.48
C ARG A 217 -19.03 24.85 24.49
N ASP B 4 -19.85 -29.34 -31.97
CA ASP B 4 -19.96 -28.41 -33.14
C ASP B 4 -19.99 -26.95 -32.69
N ASP B 5 -20.87 -26.64 -31.74
CA ASP B 5 -21.12 -25.25 -31.33
C ASP B 5 -19.90 -24.54 -30.70
N ASP B 6 -19.11 -23.93 -31.57
CA ASP B 6 -18.02 -23.02 -31.16
C ASP B 6 -18.16 -21.62 -31.76
N ASP B 7 -19.39 -21.25 -32.08
CA ASP B 7 -19.75 -19.84 -32.30
C ASP B 7 -19.43 -19.08 -31.03
N LYS B 8 -18.97 -19.84 -30.04
CA LYS B 8 -18.51 -19.40 -28.73
C LYS B 8 -17.06 -18.91 -28.78
N LEU B 9 -16.39 -19.16 -29.91
CA LEU B 9 -14.93 -18.99 -30.02
C LEU B 9 -14.28 -17.59 -29.90
N HIS B 10 -14.68 -16.52 -30.60
CA HIS B 10 -15.82 -16.25 -31.51
C HIS B 10 -16.76 -15.23 -30.85
N SER B 11 -17.60 -15.69 -29.93
CA SER B 11 -18.25 -14.81 -28.98
C SER B 11 -17.15 -14.06 -28.20
N GLN B 12 -16.10 -14.78 -27.83
CA GLN B 12 -14.90 -14.21 -27.19
C GLN B 12 -14.12 -13.33 -28.17
N ALA B 13 -13.99 -13.78 -29.42
CA ALA B 13 -13.36 -12.99 -30.47
C ALA B 13 -14.06 -11.64 -30.65
N ASN B 14 -15.39 -11.65 -30.74
CA ASN B 14 -16.16 -10.43 -30.87
C ASN B 14 -15.89 -9.40 -29.77
N LEU B 15 -15.74 -9.86 -28.53
CA LEU B 15 -15.50 -9.00 -27.38
C LEU B 15 -14.07 -8.45 -27.32
N MET B 16 -13.08 -9.30 -27.61
CA MET B 16 -11.68 -8.87 -27.71
CA MET B 16 -11.70 -8.84 -27.68
C MET B 16 -11.54 -7.85 -28.83
N ARG B 17 -12.20 -8.12 -29.95
CA ARG B 17 -12.20 -7.17 -31.07
C ARG B 17 -12.83 -5.83 -30.65
N LEU B 18 -13.96 -5.88 -29.96
CA LEU B 18 -14.62 -4.67 -29.49
C LEU B 18 -13.73 -3.84 -28.54
N LYS B 19 -13.26 -4.47 -27.47
CA LYS B 19 -12.36 -3.81 -26.52
C LYS B 19 -11.11 -3.30 -27.23
N SER B 20 -10.51 -4.14 -28.07
CA SER B 20 -9.39 -3.72 -28.89
C SER B 20 -9.73 -2.50 -29.77
N ASP B 21 -10.88 -2.52 -30.43
CA ASP B 21 -11.32 -1.39 -31.27
C ASP B 21 -11.52 -0.09 -30.48
N LEU B 22 -12.05 -0.22 -29.26
CA LEU B 22 -12.30 0.94 -28.41
C LEU B 22 -11.03 1.47 -27.73
N PHE B 23 -10.13 0.56 -27.33
CA PHE B 23 -8.94 0.97 -26.59
C PHE B 23 -7.64 1.10 -27.39
N ASN B 24 -7.55 0.42 -28.53
CA ASN B 24 -6.33 0.46 -29.36
C ASN B 24 -6.49 1.23 -30.67
N ARG B 25 -7.64 1.08 -31.32
CA ARG B 25 -7.82 1.65 -32.67
C ARG B 25 -8.54 3.00 -32.74
N SER B 26 -9.21 3.38 -31.65
CA SER B 26 -9.83 4.70 -31.54
C SER B 26 -9.12 5.54 -30.49
N PRO B 27 -9.06 6.88 -30.71
CA PRO B 27 -8.48 7.78 -29.72
C PRO B 27 -9.25 7.75 -28.40
N MET B 28 -8.52 7.54 -27.30
CA MET B 28 -9.12 7.51 -25.98
C MET B 28 -9.51 8.91 -25.50
N TYR B 29 -10.62 8.98 -24.76
CA TYR B 29 -11.12 10.20 -24.12
C TYR B 29 -10.06 10.84 -23.21
N PRO B 30 -9.73 12.13 -23.44
CA PRO B 30 -8.72 12.86 -22.66
C PRO B 30 -9.27 13.53 -21.41
N GLY B 31 -10.54 13.30 -21.11
CA GLY B 31 -11.22 13.97 -20.02
C GLY B 31 -12.08 15.12 -20.53
N PRO B 32 -13.04 15.57 -19.69
CA PRO B 32 -13.95 16.67 -20.00
C PRO B 32 -13.23 18.00 -20.08
N THR B 33 -13.79 18.90 -20.89
CA THR B 33 -13.21 20.22 -21.09
C THR B 33 -14.31 21.28 -21.34
N LYS B 34 -13.95 22.56 -21.25
CA LYS B 34 -14.86 23.70 -21.50
C LYS B 34 -15.78 23.47 -22.70
N ASP B 35 -15.17 23.08 -23.82
CA ASP B 35 -15.87 22.95 -25.09
C ASP B 35 -16.52 21.59 -25.22
N ASP B 36 -16.16 20.68 -24.32
CA ASP B 36 -16.69 19.33 -24.35
C ASP B 36 -17.07 18.85 -22.95
N PRO B 37 -18.06 19.52 -22.31
CA PRO B 37 -18.36 19.18 -20.91
C PRO B 37 -19.09 17.86 -20.79
N LEU B 38 -18.98 17.24 -19.61
CA LEU B 38 -19.59 15.94 -19.35
C LEU B 38 -20.64 16.03 -18.25
N THR B 39 -21.73 15.28 -18.41
CA THR B 39 -22.70 15.11 -17.34
C THR B 39 -22.40 13.83 -16.56
N VAL B 40 -22.16 13.98 -15.25
CA VAL B 40 -21.98 12.85 -14.36
C VAL B 40 -23.15 12.83 -13.38
N THR B 41 -23.85 11.70 -13.36
CA THR B 41 -24.96 11.50 -12.44
C THR B 41 -24.48 10.71 -11.24
N LEU B 42 -24.74 11.26 -10.06
CA LEU B 42 -24.27 10.68 -8.82
C LEU B 42 -25.46 10.31 -7.95
N GLY B 43 -25.40 9.14 -7.33
CA GLY B 43 -26.44 8.65 -6.42
C GLY B 43 -25.86 7.79 -5.30
N PHE B 44 -26.52 7.77 -4.15
CA PHE B 44 -26.01 7.04 -2.99
C PHE B 44 -26.91 5.94 -2.48
N THR B 45 -26.29 4.83 -2.10
CA THR B 45 -26.98 3.74 -1.43
C THR B 45 -26.31 3.55 -0.07
N LEU B 46 -26.96 3.99 0.99
CA LEU B 46 -26.40 3.88 2.33
C LEU B 46 -26.54 2.46 2.90
N GLN B 47 -25.41 1.88 3.29
CA GLN B 47 -25.41 0.51 3.79
C GLN B 47 -25.39 0.46 5.32
N ASP B 48 -24.54 1.27 5.93
CA ASP B 48 -24.35 1.17 7.38
C ASP B 48 -23.68 2.42 7.92
N ILE B 49 -24.09 2.83 9.11
CA ILE B 49 -23.28 3.75 9.88
C ILE B 49 -22.58 2.86 10.88
N VAL B 50 -21.27 2.68 10.66
CA VAL B 50 -20.48 1.73 11.42
C VAL B 50 -20.21 2.23 12.83
N LYS B 51 -19.87 3.51 12.94
CA LYS B 51 -19.23 4.06 14.12
C LYS B 51 -19.44 5.57 14.19
N ALA B 52 -19.74 6.07 15.38
CA ALA B 52 -19.89 7.50 15.64
C ALA B 52 -18.99 7.89 16.81
N ASP B 53 -17.86 8.51 16.51
CA ASP B 53 -16.86 8.83 17.51
C ASP B 53 -17.02 10.26 18.06
N SER B 54 -17.44 10.36 19.33
CA SER B 54 -17.76 11.65 19.93
C SER B 54 -16.55 12.36 20.56
N SER B 55 -15.40 11.69 20.58
CA SER B 55 -14.19 12.30 21.09
C SER B 55 -13.36 12.98 19.99
N THR B 56 -13.62 12.63 18.73
CA THR B 56 -12.94 13.25 17.59
C THR B 56 -13.92 13.90 16.60
N ASN B 57 -15.22 13.72 16.85
CA ASN B 57 -16.28 14.14 15.93
C ASN B 57 -16.08 13.58 14.51
N GLU B 58 -15.94 12.26 14.43
CA GLU B 58 -15.85 11.52 13.18
C GLU B 58 -16.93 10.46 13.16
N VAL B 59 -17.53 10.23 11.99
CA VAL B 59 -18.47 9.14 11.79
C VAL B 59 -18.03 8.31 10.59
N ASP B 60 -18.20 6.99 10.69
CA ASP B 60 -17.84 6.09 9.61
C ASP B 60 -19.06 5.51 8.91
N LEU B 61 -19.11 5.72 7.59
CA LEU B 61 -20.21 5.27 6.75
C LEU B 61 -19.72 4.24 5.74
N VAL B 62 -20.57 3.27 5.45
CA VAL B 62 -20.39 2.40 4.28
C VAL B 62 -21.56 2.62 3.34
N TYR B 63 -21.24 2.95 2.10
CA TYR B 63 -22.25 3.26 1.10
C TYR B 63 -21.73 2.77 -0.24
N TYR B 64 -22.64 2.65 -1.20
CA TYR B 64 -22.31 2.43 -2.59
C TYR B 64 -22.52 3.75 -3.29
N GLU B 65 -21.55 4.17 -4.10
CA GLU B 65 -21.61 5.44 -4.80
C GLU B 65 -21.84 5.25 -6.31
N GLN B 66 -23.08 5.36 -6.74
CA GLN B 66 -23.40 5.19 -8.16
C GLN B 66 -22.92 6.38 -8.97
N GLN B 67 -22.10 6.09 -9.99
CA GLN B 67 -21.62 7.13 -10.91
C GLN B 67 -21.98 6.71 -12.32
N ARG B 68 -22.49 7.66 -13.11
CA ARG B 68 -22.89 7.38 -14.49
C ARG B 68 -22.59 8.55 -15.42
N TRP B 69 -21.98 8.25 -16.55
CA TRP B 69 -21.73 9.23 -17.60
C TRP B 69 -21.77 8.55 -18.98
N LYS B 70 -21.75 9.37 -20.03
CA LYS B 70 -21.87 8.87 -21.39
C LYS B 70 -20.86 9.51 -22.36
N LEU B 71 -20.10 8.68 -23.05
CA LEU B 71 -19.15 9.15 -24.06
C LEU B 71 -19.47 8.63 -25.45
N ASN B 72 -19.36 9.51 -26.46
CA ASN B 72 -19.49 9.11 -27.85
C ASN B 72 -18.40 8.11 -28.26
N SER B 73 -17.24 8.19 -27.61
CA SER B 73 -16.09 7.38 -27.99
C SER B 73 -16.16 5.94 -27.49
N LEU B 74 -17.17 5.65 -26.67
CA LEU B 74 -17.39 4.30 -26.16
C LEU B 74 -18.67 3.66 -26.71
N MET B 75 -19.26 4.32 -27.73
CA MET B 75 -20.40 3.78 -28.49
C MET B 75 -19.95 2.77 -29.53
N TRP B 76 -20.77 1.74 -29.72
CA TRP B 76 -20.59 0.81 -30.83
C TRP B 76 -21.93 0.32 -31.33
N ASP B 77 -21.93 -0.29 -32.50
CA ASP B 77 -23.11 -0.91 -33.08
C ASP B 77 -23.07 -2.41 -32.77
N PRO B 78 -24.00 -2.88 -31.91
CA PRO B 78 -24.07 -4.30 -31.50
C PRO B 78 -24.11 -5.30 -32.66
N ASN B 79 -24.69 -4.90 -33.78
CA ASN B 79 -24.74 -5.74 -34.97
C ASN B 79 -23.35 -6.03 -35.55
N GLU B 80 -22.41 -5.10 -35.33
CA GLU B 80 -21.06 -5.23 -35.86
C GLU B 80 -20.16 -6.14 -35.00
N TYR B 81 -20.66 -6.53 -33.82
CA TYR B 81 -19.86 -7.27 -32.84
C TYR B 81 -20.63 -8.47 -32.24
N GLY B 82 -21.41 -9.15 -33.08
CA GLY B 82 -22.14 -10.35 -32.66
C GLY B 82 -23.17 -10.12 -31.58
N ASN B 83 -23.87 -8.98 -31.66
CA ASN B 83 -24.94 -8.60 -30.72
C ASN B 83 -24.55 -8.29 -29.26
N ILE B 84 -23.27 -8.03 -29.01
CA ILE B 84 -22.80 -7.67 -27.67
C ILE B 84 -23.28 -6.27 -27.35
N THR B 85 -24.06 -6.14 -26.28
CA THR B 85 -24.67 -4.87 -25.89
C THR B 85 -23.93 -4.16 -24.76
N ASP B 86 -23.09 -4.90 -24.04
CA ASP B 86 -22.31 -4.34 -22.94
C ASP B 86 -21.11 -5.20 -22.57
N PHE B 87 -20.15 -4.59 -21.88
CA PHE B 87 -19.01 -5.32 -21.38
C PHE B 87 -18.48 -4.71 -20.08
N ARG B 88 -17.76 -5.52 -19.30
CA ARG B 88 -17.14 -5.02 -18.07
C ARG B 88 -15.67 -4.78 -18.35
N THR B 89 -15.10 -3.80 -17.67
CA THR B 89 -13.72 -3.42 -17.87
C THR B 89 -13.16 -2.74 -16.63
N SER B 90 -11.90 -3.02 -16.31
CA SER B 90 -11.21 -2.40 -15.18
C SER B 90 -11.36 -0.88 -15.22
N ALA B 91 -11.67 -0.27 -14.08
CA ALA B 91 -11.81 1.19 -13.99
C ALA B 91 -10.51 1.95 -14.28
N ALA B 92 -9.37 1.28 -14.15
CA ALA B 92 -8.08 1.87 -14.50
C ALA B 92 -7.91 2.07 -16.02
N ASP B 93 -8.68 1.32 -16.81
CA ASP B 93 -8.61 1.33 -18.27
C ASP B 93 -9.26 2.55 -18.90
N ILE B 94 -10.22 3.13 -18.19
CA ILE B 94 -10.98 4.25 -18.73
C ILE B 94 -10.77 5.50 -17.89
N TRP B 95 -11.24 6.63 -18.41
CA TRP B 95 -11.34 7.84 -17.60
C TRP B 95 -12.49 7.63 -16.60
N THR B 96 -12.30 8.10 -15.39
CA THR B 96 -13.32 8.11 -14.35
C THR B 96 -13.32 9.46 -13.64
N PRO B 97 -14.48 9.88 -13.11
CA PRO B 97 -14.60 11.16 -12.41
C PRO B 97 -13.86 11.17 -11.07
N ASP B 98 -13.32 12.32 -10.70
CA ASP B 98 -12.58 12.48 -9.45
C ASP B 98 -13.51 12.97 -8.33
N ILE B 99 -14.65 12.32 -8.16
CA ILE B 99 -15.60 12.74 -7.13
C ILE B 99 -15.04 12.41 -5.76
N THR B 100 -14.96 13.44 -4.92
CA THR B 100 -14.30 13.35 -3.63
C THR B 100 -15.24 13.87 -2.55
N ALA B 101 -15.20 13.23 -1.37
CA ALA B 101 -15.82 13.85 -0.20
C ALA B 101 -14.98 15.08 0.15
N TYR B 102 -15.67 16.17 0.48
CA TYR B 102 -15.00 17.44 0.81
C TYR B 102 -14.52 17.50 2.26
N SER B 103 -15.10 16.66 3.12
CA SER B 103 -14.80 16.70 4.55
C SER B 103 -14.44 15.35 5.17
N SER B 104 -13.81 14.47 4.36
CA SER B 104 -13.26 13.23 4.91
C SER B 104 -12.08 13.53 5.87
N THR B 105 -11.85 12.63 6.82
CA THR B 105 -10.74 12.78 7.78
C THR B 105 -9.70 11.67 7.63
N ARG B 106 -10.01 10.70 6.74
CA ARG B 106 -9.12 9.60 6.39
CA ARG B 106 -9.12 9.60 6.39
C ARG B 106 -9.32 9.30 4.91
N PRO B 107 -8.27 8.78 4.23
CA PRO B 107 -8.52 8.42 2.82
C PRO B 107 -9.63 7.38 2.71
N VAL B 108 -10.58 7.61 1.80
CA VAL B 108 -11.62 6.63 1.46
C VAL B 108 -11.03 5.25 1.24
N GLN B 109 -11.74 4.24 1.68
CA GLN B 109 -11.34 2.87 1.45
C GLN B 109 -12.37 2.20 0.55
N VAL B 110 -11.87 1.68 -0.57
CA VAL B 110 -12.68 0.97 -1.54
C VAL B 110 -12.87 -0.48 -1.09
N LEU B 111 -14.10 -0.95 -1.17
CA LEU B 111 -14.47 -2.29 -0.71
C LEU B 111 -14.83 -3.21 -1.86
N SER B 112 -14.96 -2.65 -3.07
CA SER B 112 -15.41 -3.43 -4.22
C SER B 112 -14.34 -3.45 -5.32
N PRO B 113 -14.37 -4.46 -6.20
CA PRO B 113 -13.36 -4.42 -7.26
C PRO B 113 -13.61 -3.26 -8.21
N GLN B 114 -12.53 -2.62 -8.65
CA GLN B 114 -12.65 -1.41 -9.44
C GLN B 114 -12.93 -1.72 -10.91
N ILE B 115 -14.19 -2.06 -11.17
CA ILE B 115 -14.64 -2.49 -12.51
C ILE B 115 -15.91 -1.74 -12.88
N ALA B 116 -15.92 -1.25 -14.11
CA ALA B 116 -17.06 -0.53 -14.66
C ALA B 116 -17.81 -1.37 -15.70
N VAL B 117 -19.06 -1.00 -15.94
CA VAL B 117 -19.87 -1.62 -16.98
C VAL B 117 -20.15 -0.60 -18.07
N VAL B 118 -19.79 -0.93 -19.29
CA VAL B 118 -20.00 -0.05 -20.44
C VAL B 118 -21.05 -0.65 -21.37
N THR B 119 -22.07 0.14 -21.73
CA THR B 119 -23.10 -0.32 -22.67
C THR B 119 -22.95 0.38 -24.02
N HIS B 120 -23.61 -0.20 -25.04
CA HIS B 120 -23.36 0.15 -26.44
C HIS B 120 -23.66 1.61 -26.83
N ASP B 121 -24.39 2.31 -25.98
CA ASP B 121 -24.76 3.71 -26.21
C ASP B 121 -23.70 4.69 -25.69
N GLY B 122 -22.62 4.16 -25.13
CA GLY B 122 -21.53 4.97 -24.61
C GLY B 122 -21.65 5.21 -23.12
N SER B 123 -22.65 4.59 -22.51
CA SER B 123 -22.89 4.66 -21.06
C SER B 123 -21.84 3.92 -20.25
N VAL B 124 -21.41 4.55 -19.17
CA VAL B 124 -20.55 3.89 -18.20
C VAL B 124 -21.27 3.94 -16.86
N MET B 125 -21.42 2.76 -16.26
CA MET B 125 -21.90 2.64 -14.89
C MET B 125 -20.70 2.22 -14.05
N PHE B 126 -20.47 2.94 -12.96
CA PHE B 126 -19.35 2.63 -12.04
C PHE B 126 -19.83 2.82 -10.61
N ILE B 127 -19.84 1.74 -9.83
CA ILE B 127 -20.46 1.76 -8.49
C ILE B 127 -19.51 1.24 -7.41
N PRO B 128 -18.54 2.06 -7.00
CA PRO B 128 -17.65 1.60 -5.93
C PRO B 128 -18.34 1.61 -4.57
N ALA B 129 -18.20 0.51 -3.85
CA ALA B 129 -18.55 0.46 -2.43
C ALA B 129 -17.41 1.12 -1.65
N GLN B 130 -17.72 1.98 -0.68
CA GLN B 130 -16.67 2.71 0.03
C GLN B 130 -16.92 2.76 1.53
N ARG B 131 -15.88 2.72 2.33
CA ARG B 131 -16.00 3.12 3.75
C ARG B 131 -15.36 4.48 3.91
N LEU B 132 -16.12 5.41 4.45
CA LEU B 132 -15.69 6.80 4.60
C LEU B 132 -15.81 7.26 6.05
N SER B 133 -14.70 7.78 6.59
CA SER B 133 -14.71 8.60 7.82
C SER B 133 -14.81 10.08 7.44
N PHE B 134 -15.79 10.78 8.01
CA PHE B 134 -15.96 12.22 7.75
C PHE B 134 -16.30 13.01 9.01
N MET B 135 -16.30 14.33 8.88
CA MET B 135 -16.54 15.26 9.98
C MET B 135 -18.02 15.33 10.37
N CYS B 136 -18.30 14.94 11.61
CA CYS B 136 -19.67 14.78 12.07
C CYS B 136 -19.72 14.81 13.58
N ASP B 137 -20.53 15.71 14.11
CA ASP B 137 -20.79 15.83 15.54
C ASP B 137 -22.04 15.01 15.87
N PRO B 138 -21.86 13.85 16.55
CA PRO B 138 -22.98 12.95 16.84
C PRO B 138 -23.77 13.30 18.12
N THR B 139 -23.72 14.55 18.56
CA THR B 139 -24.51 14.96 19.71
C THR B 139 -26.01 14.75 19.44
N GLY B 140 -26.69 14.11 20.40
CA GLY B 140 -28.12 13.82 20.27
C GLY B 140 -28.44 12.44 19.69
N VAL B 141 -27.40 11.69 19.35
CA VAL B 141 -27.57 10.36 18.75
C VAL B 141 -28.28 9.41 19.73
N ASP B 142 -28.14 9.69 21.02
CA ASP B 142 -28.78 8.90 22.07
C ASP B 142 -30.18 9.43 22.44
N SER B 143 -30.83 10.10 21.49
CA SER B 143 -32.14 10.70 21.74
C SER B 143 -33.09 10.47 20.56
N GLU B 144 -34.36 10.81 20.76
CA GLU B 144 -35.41 10.62 19.75
C GLU B 144 -35.21 11.46 18.48
N GLU B 145 -34.75 12.71 18.65
CA GLU B 145 -34.50 13.59 17.51
C GLU B 145 -33.34 13.09 16.69
N GLY B 146 -32.35 12.50 17.36
CA GLY B 146 -31.16 11.98 16.70
C GLY B 146 -30.12 13.07 16.48
N ALA B 147 -29.09 12.72 15.73
CA ALA B 147 -28.06 13.67 15.33
C ALA B 147 -28.14 13.87 13.82
N THR B 148 -27.67 15.02 13.34
CA THR B 148 -27.68 15.32 11.91
C THR B 148 -26.26 15.60 11.45
N CYS B 149 -25.84 14.90 10.40
CA CYS B 149 -24.55 15.17 9.78
C CYS B 149 -24.65 15.25 8.26
N ALA B 150 -23.66 15.88 7.66
CA ALA B 150 -23.67 16.11 6.24
C ALA B 150 -22.25 16.08 5.68
N VAL B 151 -22.14 15.66 4.43
CA VAL B 151 -20.87 15.58 3.74
C VAL B 151 -21.10 15.80 2.25
N LYS B 152 -20.25 16.63 1.65
CA LYS B 152 -20.36 16.98 0.25
C LYS B 152 -19.43 16.15 -0.63
N PHE B 153 -19.92 15.84 -1.83
CA PHE B 153 -19.15 15.12 -2.82
C PHE B 153 -19.12 15.96 -4.09
N GLY B 154 -17.93 16.22 -4.61
CA GLY B 154 -17.81 16.92 -5.88
C GLY B 154 -16.49 16.61 -6.56
N SER B 155 -16.33 17.07 -7.79
CA SER B 155 -15.05 16.98 -8.47
C SER B 155 -14.02 17.80 -7.70
N TRP B 156 -12.85 17.22 -7.47
CA TRP B 156 -11.77 17.94 -6.80
C TRP B 156 -11.16 19.01 -7.71
N VAL B 157 -11.07 18.75 -9.00
CA VAL B 157 -10.31 19.64 -9.92
C VAL B 157 -11.12 20.32 -11.03
N TYR B 158 -12.34 19.82 -11.29
CA TYR B 158 -13.18 20.33 -12.38
C TYR B 158 -14.29 21.24 -11.89
N SER B 159 -14.47 22.35 -12.57
CA SER B 159 -15.59 23.24 -12.29
C SER B 159 -16.85 22.73 -13.00
N GLY B 160 -17.95 23.44 -12.81
CA GLY B 160 -19.22 23.11 -13.45
C GLY B 160 -19.23 23.37 -14.94
N PHE B 161 -18.21 24.05 -15.46
CA PHE B 161 -18.03 24.23 -16.90
C PHE B 161 -17.46 22.99 -17.60
N GLU B 162 -16.90 22.06 -16.82
CA GLU B 162 -16.34 20.82 -17.37
C GLU B 162 -17.19 19.62 -16.96
N ILE B 163 -17.56 19.54 -15.69
CA ILE B 163 -18.46 18.48 -15.22
C ILE B 163 -19.77 19.03 -14.69
N ASP B 164 -20.87 18.63 -15.31
CA ASP B 164 -22.19 18.93 -14.77
C ASP B 164 -22.60 17.76 -13.89
N LEU B 165 -22.52 17.97 -12.58
CA LEU B 165 -22.87 16.96 -11.64
C LEU B 165 -24.38 16.95 -11.44
N LYS B 166 -24.95 15.75 -11.39
CA LYS B 166 -26.40 15.58 -11.39
C LYS B 166 -26.84 14.45 -10.46
N THR B 167 -28.08 14.51 -10.00
CA THR B 167 -28.72 13.40 -9.31
C THR B 167 -29.98 12.95 -10.05
N ASP B 168 -30.31 11.66 -9.93
CA ASP B 168 -31.59 11.11 -10.42
C ASP B 168 -32.74 11.49 -9.51
N THR B 169 -32.43 11.64 -8.22
CA THR B 169 -33.42 11.86 -7.17
C THR B 169 -32.76 12.49 -5.95
N ASP B 170 -33.56 13.07 -5.05
CA ASP B 170 -33.00 13.60 -3.81
C ASP B 170 -33.08 12.62 -2.64
N GLN B 171 -33.71 11.47 -2.86
CA GLN B 171 -33.80 10.48 -1.78
C GLN B 171 -32.68 9.46 -1.87
N VAL B 172 -31.90 9.36 -0.80
CA VAL B 172 -30.84 8.37 -0.69
C VAL B 172 -31.49 6.99 -0.65
N ASP B 173 -30.93 6.04 -1.39
CA ASP B 173 -31.40 4.66 -1.40
C ASP B 173 -31.09 3.98 -0.04
N LEU B 174 -32.13 3.65 0.70
CA LEU B 174 -31.98 2.99 2.00
C LEU B 174 -32.49 1.54 1.97
N SER B 175 -32.87 1.06 0.78
CA SER B 175 -33.50 -0.25 0.66
C SER B 175 -32.56 -1.41 0.99
N SER B 176 -31.25 -1.16 1.09
CA SER B 176 -30.38 -2.19 1.64
C SER B 176 -29.54 -1.70 2.83
N TYR B 177 -30.09 -0.78 3.60
CA TYR B 177 -29.45 -0.38 4.85
C TYR B 177 -29.47 -1.56 5.81
N TYR B 178 -28.30 -1.86 6.37
CA TYR B 178 -28.14 -2.92 7.37
C TYR B 178 -29.15 -2.78 8.53
N ALA B 179 -30.03 -3.77 8.65
CA ALA B 179 -31.15 -3.73 9.60
C ALA B 179 -30.74 -3.91 11.06
N SER B 180 -29.58 -4.51 11.29
CA SER B 180 -29.08 -4.70 12.64
C SER B 180 -27.94 -3.74 13.01
N SER B 181 -27.82 -2.66 12.24
CA SER B 181 -26.90 -1.58 12.55
C SER B 181 -27.10 -1.01 13.95
N LYS B 182 -26.02 -0.45 14.51
CA LYS B 182 -26.07 0.24 15.81
C LYS B 182 -26.88 1.53 15.71
N TYR B 183 -26.96 2.09 14.51
CA TYR B 183 -27.74 3.31 14.25
C TYR B 183 -28.82 3.08 13.21
N GLU B 184 -30.01 3.58 13.49
CA GLU B 184 -31.07 3.60 12.50
C GLU B 184 -31.10 4.94 11.78
N ILE B 185 -31.65 4.94 10.58
CA ILE B 185 -31.75 6.15 9.76
C ILE B 185 -33.13 6.76 9.90
N LEU B 186 -33.17 8.03 10.25
CA LEU B 186 -34.43 8.77 10.31
C LEU B 186 -34.71 9.38 8.93
N SER B 187 -33.67 9.94 8.31
CA SER B 187 -33.72 10.40 6.92
C SER B 187 -32.33 10.55 6.31
N ALA B 188 -32.29 10.47 4.98
CA ALA B 188 -31.07 10.64 4.24
C ALA B 188 -31.40 11.25 2.88
N THR B 189 -30.87 12.44 2.63
CA THR B 189 -31.15 13.16 1.39
C THR B 189 -29.84 13.45 0.66
N GLN B 190 -29.94 13.54 -0.67
CA GLN B 190 -28.83 13.92 -1.55
C GLN B 190 -29.20 15.10 -2.42
N THR B 191 -28.58 16.24 -2.16
CA THR B 191 -28.99 17.50 -2.80
C THR B 191 -27.86 18.14 -3.60
N ARG B 192 -28.16 18.48 -4.86
CA ARG B 192 -27.22 19.20 -5.72
C ARG B 192 -27.09 20.64 -5.27
N GLN B 193 -25.86 21.11 -5.16
CA GLN B 193 -25.58 22.47 -4.73
C GLN B 193 -24.60 23.10 -5.71
N VAL B 194 -24.86 24.36 -6.04
CA VAL B 194 -23.96 25.15 -6.86
C VAL B 194 -23.33 26.21 -5.96
N GLN B 195 -21.99 26.24 -5.94
CA GLN B 195 -21.23 27.16 -5.12
C GLN B 195 -20.32 28.02 -5.97
N HIS B 196 -20.15 29.26 -5.55
CA HIS B 196 -19.17 30.16 -6.12
C HIS B 196 -18.22 30.59 -5.02
N TYR B 197 -16.95 30.72 -5.38
CA TYR B 197 -15.94 31.14 -4.43
C TYR B 197 -15.45 32.52 -4.84
N SER B 198 -15.39 33.43 -3.86
CA SER B 198 -14.89 34.79 -4.03
C SER B 198 -13.61 34.82 -4.89
N CYS B 199 -12.76 33.83 -4.67
CA CYS B 199 -11.60 33.50 -5.52
C CYS B 199 -11.81 33.67 -7.02
N CYS B 200 -12.87 33.07 -7.54
CA CYS B 200 -12.93 32.73 -8.96
C CYS B 200 -14.34 32.71 -9.55
N PRO B 201 -14.50 33.05 -10.86
CA PRO B 201 -15.81 33.17 -11.50
C PRO B 201 -16.57 31.87 -11.82
N GLU B 202 -15.85 30.75 -11.88
CA GLU B 202 -16.47 29.45 -12.24
C GLU B 202 -17.32 28.88 -11.11
N PRO B 203 -18.44 28.23 -11.45
CA PRO B 203 -19.21 27.55 -10.42
C PRO B 203 -18.65 26.16 -10.11
N TYR B 204 -18.82 25.72 -8.86
CA TYR B 204 -18.44 24.36 -8.46
C TYR B 204 -19.65 23.58 -7.95
N ILE B 205 -19.88 22.42 -8.53
CA ILE B 205 -21.08 21.64 -8.24
C ILE B 205 -20.75 20.53 -7.25
N ASP B 206 -21.64 20.29 -6.28
CA ASP B 206 -21.49 19.17 -5.36
C ASP B 206 -22.83 18.51 -5.02
N VAL B 207 -22.76 17.32 -4.42
CA VAL B 207 -23.95 16.67 -3.88
C VAL B 207 -23.83 16.52 -2.36
N ASN B 208 -24.73 17.18 -1.65
CA ASN B 208 -24.75 17.16 -0.19
C ASN B 208 -25.51 15.96 0.34
N LEU B 209 -24.78 15.06 1.01
CA LEU B 209 -25.39 13.93 1.68
C LEU B 209 -25.67 14.34 3.13
N VAL B 210 -26.95 14.41 3.48
CA VAL B 210 -27.41 14.80 4.81
C VAL B 210 -28.17 13.63 5.45
N VAL B 211 -27.62 13.13 6.56
CA VAL B 211 -28.18 11.96 7.22
C VAL B 211 -28.60 12.31 8.66
N LYS B 212 -29.87 12.07 8.98
CA LYS B 212 -30.32 12.10 10.37
C LYS B 212 -30.35 10.67 10.89
N PHE B 213 -29.75 10.45 12.06
CA PHE B 213 -29.63 9.10 12.60
C PHE B 213 -29.63 9.08 14.12
N ARG B 214 -29.98 7.94 14.70
CA ARG B 214 -29.94 7.76 16.16
C ARG B 214 -29.61 6.33 16.55
N GLU B 215 -29.19 6.15 17.80
CA GLU B 215 -28.94 4.83 18.33
C GLU B 215 -30.18 3.96 18.23
N ARG B 216 -30.00 2.71 17.81
CA ARG B 216 -31.09 1.76 17.69
C ARG B 216 -31.56 1.31 19.07
N ARG B 217 -32.85 0.99 19.17
CA ARG B 217 -33.45 0.57 20.44
C ARG B 217 -34.07 -0.81 20.32
N ALA B 218 -33.53 -1.61 19.40
CA ALA B 218 -34.03 -2.95 19.09
C ALA B 218 -33.47 -4.00 20.05
N ASP C 4 19.67 -38.64 -17.67
CA ASP C 4 20.60 -37.49 -17.44
C ASP C 4 19.88 -36.29 -16.82
N ASP C 5 20.65 -35.36 -16.26
CA ASP C 5 20.11 -34.14 -15.67
C ASP C 5 19.60 -33.13 -16.71
N ASP C 6 19.83 -33.45 -17.98
CA ASP C 6 19.38 -32.61 -19.11
C ASP C 6 17.87 -32.65 -19.28
N ASP C 7 17.26 -33.75 -18.83
CA ASP C 7 15.80 -33.89 -18.81
C ASP C 7 15.12 -32.80 -17.96
N LYS C 8 15.84 -32.30 -16.96
CA LYS C 8 15.37 -31.18 -16.15
C LYS C 8 15.30 -29.89 -16.99
N LEU C 9 16.29 -29.70 -17.85
CA LEU C 9 16.34 -28.53 -18.73
C LEU C 9 15.24 -28.56 -19.79
N HIS C 10 14.89 -29.78 -20.24
CA HIS C 10 13.78 -29.96 -21.17
C HIS C 10 12.41 -29.71 -20.54
N SER C 11 12.31 -29.98 -19.24
CA SER C 11 11.10 -29.72 -18.48
C SER C 11 10.82 -28.22 -18.40
N GLN C 12 11.88 -27.44 -18.17
CA GLN C 12 11.79 -25.98 -18.08
C GLN C 12 11.37 -25.35 -19.41
N ALA C 13 12.00 -25.78 -20.50
CA ALA C 13 11.69 -25.29 -21.84
C ALA C 13 10.23 -25.58 -22.24
N ASN C 14 9.74 -26.77 -21.87
CA ASN C 14 8.37 -27.16 -22.17
C ASN C 14 7.33 -26.30 -21.43
N LEU C 15 7.58 -26.01 -20.15
CA LEU C 15 6.71 -25.13 -19.38
C LEU C 15 6.72 -23.71 -19.95
N MET C 16 7.92 -23.18 -20.20
CA MET C 16 8.13 -21.86 -20.78
C MET C 16 7.38 -21.69 -22.09
N ARG C 17 7.46 -22.71 -22.95
CA ARG C 17 6.78 -22.67 -24.23
C ARG C 17 5.26 -22.77 -24.07
N LEU C 18 4.82 -23.58 -23.11
CA LEU C 18 3.39 -23.70 -22.82
C LEU C 18 2.79 -22.36 -22.38
N LYS C 19 3.42 -21.74 -21.39
CA LYS C 19 3.00 -20.43 -20.89
C LYS C 19 3.02 -19.37 -22.01
N SER C 20 4.06 -19.41 -22.83
CA SER C 20 4.19 -18.51 -23.97
C SER C 20 3.04 -18.71 -24.96
N ASP C 21 2.71 -19.97 -25.25
CA ASP C 21 1.63 -20.31 -26.16
C ASP C 21 0.26 -19.87 -25.69
N LEU C 22 0.07 -19.87 -24.37
CA LEU C 22 -1.21 -19.55 -23.75
C LEU C 22 -1.34 -18.07 -23.41
N PHE C 23 -0.22 -17.41 -23.12
CA PHE C 23 -0.24 -15.99 -22.73
C PHE C 23 0.28 -15.08 -23.83
N ASN C 24 1.51 -15.33 -24.29
CA ASN C 24 2.21 -14.44 -25.23
C ASN C 24 1.95 -14.76 -26.72
N ARG C 25 0.84 -15.43 -27.01
CA ARG C 25 0.54 -15.84 -28.37
C ARG C 25 -0.97 -15.95 -28.62
N SER C 26 -1.61 -16.88 -27.91
CA SER C 26 -3.03 -17.16 -28.12
C SER C 26 -3.91 -16.03 -27.60
N PRO C 27 -4.96 -15.66 -28.37
CA PRO C 27 -5.93 -14.66 -27.94
C PRO C 27 -6.43 -14.98 -26.53
N MET C 28 -6.32 -14.00 -25.64
CA MET C 28 -6.57 -14.24 -24.22
C MET C 28 -8.06 -14.12 -23.84
N TYR C 29 -8.35 -13.95 -22.55
CA TYR C 29 -9.72 -14.01 -22.04
C TYR C 29 -10.27 -12.66 -21.60
N PRO C 30 -11.29 -12.15 -22.32
CA PRO C 30 -11.93 -10.87 -22.03
C PRO C 30 -12.99 -10.93 -20.92
N GLY C 31 -13.11 -12.08 -20.25
CA GLY C 31 -14.17 -12.27 -19.27
C GLY C 31 -15.36 -12.97 -19.89
N PRO C 32 -16.31 -13.43 -19.07
CA PRO C 32 -17.46 -14.17 -19.59
C PRO C 32 -18.44 -13.29 -20.37
N THR C 33 -19.16 -13.90 -21.31
CA THR C 33 -20.26 -13.22 -21.98
C THR C 33 -21.59 -13.98 -21.85
N LYS C 34 -22.66 -13.36 -22.32
CA LYS C 34 -23.98 -13.97 -22.30
C LYS C 34 -24.02 -15.25 -23.14
N ASP C 35 -23.27 -15.26 -24.24
CA ASP C 35 -23.19 -16.43 -25.11
C ASP C 35 -22.08 -17.42 -24.71
N ASP C 36 -21.11 -16.94 -23.92
CA ASP C 36 -20.05 -17.80 -23.39
C ASP C 36 -19.99 -17.65 -21.86
N PRO C 37 -21.03 -18.12 -21.15
CA PRO C 37 -21.05 -17.88 -19.71
C PRO C 37 -20.09 -18.79 -18.94
N LEU C 38 -19.85 -18.42 -17.70
CA LEU C 38 -18.89 -19.11 -16.86
C LEU C 38 -19.53 -19.50 -15.54
N THR C 39 -19.35 -20.75 -15.15
CA THR C 39 -19.73 -21.22 -13.83
C THR C 39 -18.50 -21.23 -12.91
N VAL C 40 -18.61 -20.54 -11.78
CA VAL C 40 -17.56 -20.54 -10.76
C VAL C 40 -17.99 -21.35 -9.55
N THR C 41 -17.20 -22.36 -9.20
CA THR C 41 -17.46 -23.12 -7.98
C THR C 41 -16.83 -22.44 -6.76
N LEU C 42 -17.63 -22.25 -5.72
CA LEU C 42 -17.23 -21.52 -4.54
C LEU C 42 -17.41 -22.37 -3.31
N GLY C 43 -16.48 -22.25 -2.36
CA GLY C 43 -16.51 -22.99 -1.11
C GLY C 43 -15.65 -22.28 -0.08
N PHE C 44 -16.15 -22.17 1.14
CA PHE C 44 -15.42 -21.51 2.20
C PHE C 44 -14.90 -22.51 3.22
N THR C 45 -13.70 -22.26 3.70
CA THR C 45 -13.13 -23.00 4.80
C THR C 45 -12.98 -21.98 5.89
N LEU C 46 -13.79 -22.09 6.94
CA LEU C 46 -13.74 -21.14 8.03
C LEU C 46 -12.66 -21.52 9.02
N GLN C 47 -11.67 -20.64 9.18
CA GLN C 47 -10.57 -20.92 10.08
C GLN C 47 -10.76 -20.35 11.48
N ASP C 48 -11.39 -19.17 11.59
CA ASP C 48 -11.44 -18.47 12.87
C ASP C 48 -12.40 -17.30 12.86
N ILE C 49 -13.12 -17.13 13.98
CA ILE C 49 -13.75 -15.87 14.27
C ILE C 49 -12.87 -15.18 15.31
N VAL C 50 -12.20 -14.12 14.86
CA VAL C 50 -11.18 -13.47 15.66
C VAL C 50 -11.82 -12.54 16.66
N LYS C 51 -12.72 -11.69 16.14
CA LYS C 51 -13.23 -10.53 16.84
C LYS C 51 -14.72 -10.37 16.54
N ALA C 52 -15.51 -10.16 17.58
CA ALA C 52 -16.89 -9.70 17.46
C ALA C 52 -16.98 -8.40 18.24
N ASP C 53 -17.27 -7.32 17.54
CA ASP C 53 -17.28 -5.98 18.14
C ASP C 53 -18.73 -5.49 18.25
N SER C 54 -19.22 -5.43 19.49
CA SER C 54 -20.62 -5.07 19.75
C SER C 54 -20.85 -3.55 19.89
N SER C 55 -19.76 -2.78 19.87
CA SER C 55 -19.89 -1.32 19.85
C SER C 55 -20.08 -0.80 18.42
N THR C 56 -19.72 -1.60 17.43
CA THR C 56 -19.82 -1.19 16.02
C THR C 56 -20.59 -2.21 15.17
N ASN C 57 -20.88 -3.37 15.76
CA ASN C 57 -21.54 -4.48 15.04
C ASN C 57 -20.75 -4.98 13.82
N GLU C 58 -19.45 -5.16 14.04
CA GLU C 58 -18.54 -5.76 13.06
C GLU C 58 -18.00 -7.06 13.64
N VAL C 59 -17.86 -8.06 12.78
CA VAL C 59 -17.23 -9.32 13.16
C VAL C 59 -16.11 -9.61 12.19
N ASP C 60 -14.97 -10.08 12.71
CA ASP C 60 -13.80 -10.39 11.89
C ASP C 60 -13.64 -11.90 11.68
N LEU C 61 -13.69 -12.33 10.42
CA LEU C 61 -13.49 -13.74 10.06
C LEU C 61 -12.18 -13.96 9.34
N VAL C 62 -11.55 -15.10 9.61
CA VAL C 62 -10.45 -15.60 8.77
C VAL C 62 -10.93 -16.89 8.11
N TYR C 63 -10.80 -16.96 6.80
CA TYR C 63 -11.27 -18.11 6.02
C TYR C 63 -10.46 -18.30 4.73
N TYR C 64 -10.52 -19.50 4.16
CA TYR C 64 -10.04 -19.72 2.80
C TYR C 64 -11.22 -19.73 1.86
N GLU C 65 -11.12 -18.97 0.77
CA GLU C 65 -12.19 -18.91 -0.22
C GLU C 65 -11.77 -19.71 -1.45
N GLN C 66 -12.30 -20.92 -1.59
CA GLN C 66 -11.92 -21.76 -2.72
C GLN C 66 -12.71 -21.36 -3.97
N GLN C 67 -11.97 -21.07 -5.04
CA GLN C 67 -12.57 -20.69 -6.32
C GLN C 67 -12.08 -21.63 -7.42
N ARG C 68 -13.01 -22.06 -8.26
CA ARG C 68 -12.67 -22.96 -9.37
C ARG C 68 -13.55 -22.64 -10.58
N TRP C 69 -12.92 -22.52 -11.74
CA TRP C 69 -13.61 -22.29 -13.02
C TRP C 69 -12.82 -22.93 -14.18
N LYS C 70 -13.42 -23.04 -15.35
CA LYS C 70 -12.76 -23.70 -16.47
C LYS C 70 -12.91 -22.95 -17.79
N LEU C 71 -11.77 -22.73 -18.46
CA LEU C 71 -11.71 -21.97 -19.70
C LEU C 71 -11.09 -22.81 -20.82
N ASN C 72 -11.72 -22.76 -22.00
CA ASN C 72 -11.19 -23.46 -23.17
C ASN C 72 -9.87 -22.88 -23.65
N SER C 73 -9.68 -21.58 -23.43
CA SER C 73 -8.42 -20.92 -23.83
C SER C 73 -7.24 -21.24 -22.90
N LEU C 74 -7.48 -22.11 -21.91
CA LEU C 74 -6.41 -22.58 -21.03
C LEU C 74 -6.15 -24.09 -21.15
N MET C 75 -6.87 -24.74 -22.06
CA MET C 75 -6.69 -26.15 -22.36
C MET C 75 -5.39 -26.38 -23.14
N TRP C 76 -4.75 -27.51 -22.87
CA TRP C 76 -3.66 -27.98 -23.74
C TRP C 76 -3.57 -29.49 -23.73
N ASP C 77 -2.93 -30.02 -24.76
CA ASP C 77 -2.55 -31.41 -24.83
C ASP C 77 -1.17 -31.56 -24.16
N PRO C 78 -1.11 -32.32 -23.06
CA PRO C 78 0.16 -32.55 -22.35
C PRO C 78 1.25 -33.20 -23.22
N ASN C 79 0.83 -33.95 -24.25
CA ASN C 79 1.76 -34.57 -25.20
C ASN C 79 2.59 -33.58 -26.02
N GLU C 80 2.04 -32.38 -26.22
CA GLU C 80 2.77 -31.31 -26.90
C GLU C 80 3.74 -30.56 -25.99
N TYR C 81 3.74 -30.92 -24.71
CA TYR C 81 4.53 -30.20 -23.70
C TYR C 81 5.08 -31.13 -22.62
N GLY C 82 5.78 -32.19 -23.05
CA GLY C 82 6.48 -33.11 -22.15
C GLY C 82 5.64 -33.69 -21.02
N ASN C 83 4.36 -33.91 -21.30
CA ASN C 83 3.37 -34.42 -20.32
C ASN C 83 3.18 -33.54 -19.08
N ILE C 84 3.32 -32.23 -19.26
CA ILE C 84 2.97 -31.27 -18.22
C ILE C 84 1.44 -31.26 -18.12
N THR C 85 0.97 -31.51 -16.90
CA THR C 85 -0.45 -31.71 -16.60
CA THR C 85 -0.46 -31.68 -16.63
C THR C 85 -1.03 -30.48 -15.90
N ASP C 86 -0.16 -29.73 -15.23
CA ASP C 86 -0.55 -28.51 -14.52
C ASP C 86 0.63 -27.59 -14.26
N PHE C 87 0.36 -26.32 -14.01
CA PHE C 87 1.40 -25.35 -13.71
C PHE C 87 0.90 -24.23 -12.80
N ARG C 88 1.83 -23.61 -12.07
CA ARG C 88 1.49 -22.50 -11.21
C ARG C 88 1.80 -21.19 -11.91
N THR C 89 0.87 -20.25 -11.81
CA THR C 89 1.09 -18.91 -12.36
C THR C 89 0.55 -17.85 -11.40
N SER C 90 1.19 -16.68 -11.41
CA SER C 90 0.72 -15.53 -10.66
C SER C 90 -0.73 -15.20 -11.05
N ALA C 91 -1.53 -14.81 -10.07
CA ALA C 91 -2.95 -14.53 -10.29
C ALA C 91 -3.18 -13.26 -11.11
N ALA C 92 -2.12 -12.49 -11.35
CA ALA C 92 -2.17 -11.30 -12.20
C ALA C 92 -2.12 -11.65 -13.70
N ASP C 93 -1.47 -12.78 -14.02
CA ASP C 93 -1.25 -13.19 -15.41
C ASP C 93 -2.54 -13.64 -16.08
N ILE C 94 -3.50 -14.08 -15.29
CA ILE C 94 -4.75 -14.60 -15.80
C ILE C 94 -5.93 -13.79 -15.30
N TRP C 95 -7.06 -13.95 -15.98
CA TRP C 95 -8.34 -13.43 -15.52
C TRP C 95 -8.79 -14.16 -14.26
N THR C 96 -9.27 -13.42 -13.26
CA THR C 96 -9.92 -14.04 -12.10
C THR C 96 -11.32 -13.45 -11.86
N PRO C 97 -12.24 -14.24 -11.27
CA PRO C 97 -13.58 -13.69 -11.00
C PRO C 97 -13.59 -12.61 -9.91
N ASP C 98 -14.50 -11.65 -10.03
CA ASP C 98 -14.57 -10.52 -9.10
C ASP C 98 -15.49 -10.80 -7.89
N ILE C 99 -15.35 -12.00 -7.30
CA ILE C 99 -16.17 -12.41 -6.15
C ILE C 99 -15.93 -11.49 -4.96
N THR C 100 -17.01 -10.87 -4.48
CA THR C 100 -16.92 -9.87 -3.43
C THR C 100 -17.92 -10.14 -2.34
N ALA C 101 -17.51 -9.93 -1.10
CA ALA C 101 -18.46 -9.90 0.02
C ALA C 101 -19.31 -8.64 -0.10
N TYR C 102 -20.63 -8.76 0.05
CA TYR C 102 -21.52 -7.63 -0.18
C TYR C 102 -21.74 -6.69 1.02
N SER C 103 -21.26 -7.09 2.20
CA SER C 103 -21.51 -6.31 3.42
C SER C 103 -20.28 -6.14 4.28
N SER C 104 -19.11 -6.07 3.63
CA SER C 104 -17.87 -5.82 4.34
C SER C 104 -17.87 -4.36 4.82
N THR C 105 -17.11 -4.08 5.87
CA THR C 105 -16.99 -2.73 6.40
C THR C 105 -15.55 -2.19 6.30
N ARG C 106 -14.64 -2.99 5.77
CA ARG C 106 -13.32 -2.52 5.32
C ARG C 106 -12.71 -3.45 4.27
N PRO C 107 -11.66 -2.98 3.57
CA PRO C 107 -11.16 -3.81 2.49
C PRO C 107 -10.65 -5.14 3.01
N VAL C 108 -11.02 -6.21 2.33
CA VAL C 108 -10.51 -7.54 2.63
C VAL C 108 -8.98 -7.54 2.65
N GLN C 109 -8.40 -8.22 3.63
CA GLN C 109 -6.96 -8.38 3.71
C GLN C 109 -6.57 -9.78 3.24
N VAL C 110 -5.67 -9.84 2.27
CA VAL C 110 -5.20 -11.08 1.66
C VAL C 110 -4.02 -11.63 2.46
N LEU C 111 -4.15 -12.89 2.91
CA LEU C 111 -3.18 -13.50 3.81
C LEU C 111 -2.18 -14.42 3.09
N SER C 112 -2.51 -14.79 1.85
CA SER C 112 -1.78 -15.80 1.09
C SER C 112 -1.23 -15.19 -0.20
N PRO C 113 -0.26 -15.85 -0.86
CA PRO C 113 0.28 -15.33 -2.10
C PRO C 113 -0.71 -15.51 -3.24
N GLN C 114 -0.85 -14.47 -4.06
CA GLN C 114 -1.87 -14.47 -5.10
C GLN C 114 -1.42 -15.29 -6.32
N ILE C 115 -1.45 -16.61 -6.14
CA ILE C 115 -0.99 -17.57 -7.13
C ILE C 115 -2.08 -18.65 -7.35
N ALA C 116 -2.26 -19.03 -8.61
CA ALA C 116 -3.29 -19.99 -8.98
C ALA C 116 -2.68 -21.24 -9.64
N VAL C 117 -3.47 -22.30 -9.72
CA VAL C 117 -3.04 -23.53 -10.36
C VAL C 117 -3.90 -23.82 -11.59
N VAL C 118 -3.25 -24.00 -12.73
CA VAL C 118 -3.94 -24.25 -13.99
C VAL C 118 -3.69 -25.68 -14.47
N THR C 119 -4.75 -26.35 -14.90
CA THR C 119 -4.70 -27.76 -15.25
C THR C 119 -5.00 -27.93 -16.73
N HIS C 120 -4.45 -28.99 -17.33
CA HIS C 120 -4.47 -29.20 -18.79
C HIS C 120 -5.86 -29.17 -19.44
N ASP C 121 -6.89 -29.40 -18.64
CA ASP C 121 -8.27 -29.36 -19.12
C ASP C 121 -8.81 -27.92 -19.15
N GLY C 122 -8.03 -26.98 -18.64
CA GLY C 122 -8.47 -25.58 -18.57
C GLY C 122 -8.99 -25.15 -17.21
N SER C 123 -8.82 -26.03 -16.21
CA SER C 123 -9.26 -25.78 -14.84
C SER C 123 -8.34 -24.83 -14.13
N VAL C 124 -8.91 -23.81 -13.49
CA VAL C 124 -8.16 -22.96 -12.59
C VAL C 124 -8.66 -23.16 -11.15
N MET C 125 -7.72 -23.37 -10.24
CA MET C 125 -7.99 -23.39 -8.81
C MET C 125 -7.29 -22.19 -8.20
N PHE C 126 -8.04 -21.38 -7.46
CA PHE C 126 -7.52 -20.19 -6.81
C PHE C 126 -8.15 -20.12 -5.44
N ILE C 127 -7.32 -20.15 -4.40
CA ILE C 127 -7.80 -20.21 -3.00
C ILE C 127 -7.12 -19.17 -2.10
N PRO C 128 -7.57 -17.90 -2.17
CA PRO C 128 -7.02 -16.88 -1.28
C PRO C 128 -7.52 -17.02 0.16
N ALA C 129 -6.58 -17.00 1.09
CA ALA C 129 -6.89 -16.84 2.51
C ALA C 129 -7.18 -15.36 2.74
N GLN C 130 -8.23 -15.05 3.49
CA GLN C 130 -8.67 -13.66 3.65
C GLN C 130 -9.06 -13.37 5.08
N ARG C 131 -8.82 -12.15 5.54
CA ARG C 131 -9.43 -11.64 6.76
C ARG C 131 -10.48 -10.63 6.37
N LEU C 132 -11.71 -10.81 6.87
CA LEU C 132 -12.84 -9.97 6.49
C LEU C 132 -13.59 -9.41 7.70
N SER C 133 -13.78 -8.09 7.72
CA SER C 133 -14.70 -7.41 8.65
C SER C 133 -16.03 -7.18 7.93
N PHE C 134 -17.12 -7.65 8.52
CA PHE C 134 -18.43 -7.50 7.89
C PHE C 134 -19.51 -7.14 8.92
N MET C 135 -20.70 -6.78 8.43
CA MET C 135 -21.80 -6.31 9.25
C MET C 135 -22.46 -7.49 9.97
N CYS C 136 -22.32 -7.49 11.30
CA CYS C 136 -22.81 -8.56 12.14
C CYS C 136 -23.11 -8.08 13.56
N ASP C 137 -24.37 -8.21 13.97
CA ASP C 137 -24.81 -7.95 15.34
C ASP C 137 -24.59 -9.21 16.19
N PRO C 138 -23.59 -9.19 17.10
CA PRO C 138 -23.24 -10.40 17.87
C PRO C 138 -24.10 -10.65 19.12
N THR C 139 -25.22 -9.93 19.25
CA THR C 139 -26.12 -10.10 20.40
C THR C 139 -26.50 -11.57 20.59
N GLY C 140 -26.30 -12.06 21.82
CA GLY C 140 -26.62 -13.45 22.15
C GLY C 140 -25.42 -14.38 22.07
N VAL C 141 -24.26 -13.83 21.69
CA VAL C 141 -23.04 -14.62 21.59
C VAL C 141 -22.58 -15.18 22.96
N ASP C 142 -22.90 -14.45 24.03
CA ASP C 142 -22.66 -14.94 25.39
C ASP C 142 -23.82 -15.79 25.94
N SER C 143 -24.56 -16.43 25.05
CA SER C 143 -25.66 -17.31 25.45
C SER C 143 -25.63 -18.64 24.71
N GLU C 144 -26.39 -19.61 25.25
CA GLU C 144 -26.45 -20.97 24.73
C GLU C 144 -26.86 -21.03 23.25
N GLU C 145 -27.89 -20.26 22.90
CA GLU C 145 -28.36 -20.16 21.52
C GLU C 145 -27.34 -19.52 20.56
N GLY C 146 -26.52 -18.61 21.07
CA GLY C 146 -25.51 -17.94 20.26
C GLY C 146 -26.05 -16.80 19.41
N ALA C 147 -25.17 -16.22 18.61
CA ALA C 147 -25.55 -15.19 17.65
C ALA C 147 -25.54 -15.79 16.26
N THR C 148 -26.31 -15.18 15.36
CA THR C 148 -26.33 -15.60 13.97
C THR C 148 -26.02 -14.42 13.09
N CYS C 149 -25.10 -14.62 12.16
CA CYS C 149 -24.76 -13.60 11.17
C CYS C 149 -24.65 -14.20 9.78
N ALA C 150 -24.85 -13.35 8.77
CA ALA C 150 -24.76 -13.78 7.39
C ALA C 150 -24.03 -12.76 6.52
N VAL C 151 -23.32 -13.27 5.53
CA VAL C 151 -22.64 -12.42 4.55
C VAL C 151 -22.75 -13.07 3.16
N LYS C 152 -23.15 -12.27 2.17
CA LYS C 152 -23.25 -12.75 0.79
C LYS C 152 -21.99 -12.47 -0.04
N PHE C 153 -21.64 -13.46 -0.86
CA PHE C 153 -20.51 -13.32 -1.76
C PHE C 153 -21.01 -13.51 -3.18
N GLY C 154 -20.62 -12.60 -4.07
CA GLY C 154 -20.96 -12.77 -5.46
C GLY C 154 -20.17 -11.83 -6.32
N SER C 155 -20.37 -11.94 -7.62
CA SER C 155 -19.80 -11.00 -8.57
C SER C 155 -20.30 -9.60 -8.24
N TRP C 156 -19.47 -8.62 -8.51
CA TRP C 156 -19.85 -7.24 -8.28
C TRP C 156 -20.53 -6.70 -9.54
N VAL C 157 -20.12 -7.21 -10.69
CA VAL C 157 -20.50 -6.60 -11.98
C VAL C 157 -21.18 -7.54 -12.99
N TYR C 158 -21.10 -8.86 -12.78
CA TYR C 158 -21.76 -9.80 -13.71
C TYR C 158 -23.06 -10.39 -13.17
N SER C 159 -24.07 -10.50 -14.04
CA SER C 159 -25.32 -11.14 -13.68
C SER C 159 -25.20 -12.64 -13.84
N GLY C 160 -26.25 -13.37 -13.49
CA GLY C 160 -26.26 -14.82 -13.56
C GLY C 160 -26.17 -15.35 -14.98
N PHE C 161 -26.41 -14.48 -15.96
CA PHE C 161 -26.30 -14.86 -17.37
C PHE C 161 -24.85 -14.83 -17.88
N GLU C 162 -23.93 -14.38 -17.02
CA GLU C 162 -22.51 -14.28 -17.36
C GLU C 162 -21.68 -15.12 -16.37
N ILE C 163 -21.83 -14.84 -15.08
CA ILE C 163 -21.25 -15.67 -14.03
C ILE C 163 -22.35 -16.37 -13.24
N ASP C 164 -22.40 -17.69 -13.33
CA ASP C 164 -23.24 -18.48 -12.44
C ASP C 164 -22.37 -19.04 -11.32
N LEU C 165 -22.89 -19.10 -10.10
CA LEU C 165 -22.14 -19.66 -8.98
C LEU C 165 -22.70 -21.02 -8.56
N LYS C 166 -21.82 -21.90 -8.11
CA LYS C 166 -22.28 -23.13 -7.49
C LYS C 166 -21.38 -23.52 -6.34
N THR C 167 -21.93 -24.32 -5.45
CA THR C 167 -21.19 -24.93 -4.35
C THR C 167 -21.22 -26.45 -4.53
N ASP C 168 -20.14 -27.12 -4.15
CA ASP C 168 -20.12 -28.60 -4.13
C ASP C 168 -21.04 -29.09 -3.02
N THR C 169 -21.09 -28.31 -1.93
CA THR C 169 -21.88 -28.63 -0.74
C THR C 169 -22.39 -27.37 -0.05
N ASP C 170 -23.44 -27.57 0.75
CA ASP C 170 -24.08 -26.51 1.53
CA ASP C 170 -24.06 -26.49 1.52
C ASP C 170 -23.36 -26.30 2.87
N GLN C 171 -22.49 -27.22 3.22
CA GLN C 171 -21.76 -27.16 4.49
C GLN C 171 -20.46 -26.41 4.31
N VAL C 172 -20.23 -25.41 5.16
CA VAL C 172 -18.94 -24.77 5.26
C VAL C 172 -17.95 -25.78 5.80
N ASP C 173 -16.77 -25.83 5.20
CA ASP C 173 -15.71 -26.67 5.68
C ASP C 173 -15.22 -26.13 7.03
N LEU C 174 -15.47 -26.90 8.08
CA LEU C 174 -15.08 -26.52 9.44
C LEU C 174 -13.93 -27.36 9.98
N SER C 175 -13.36 -28.21 9.13
CA SER C 175 -12.33 -29.14 9.56
C SER C 175 -11.00 -28.46 9.93
N SER C 176 -10.86 -27.20 9.58
CA SER C 176 -9.68 -26.43 9.95
C SER C 176 -10.06 -25.28 10.90
N TYR C 177 -11.23 -25.34 11.52
CA TYR C 177 -11.59 -24.29 12.47
C TYR C 177 -10.66 -24.34 13.67
N TYR C 178 -10.09 -23.19 14.03
CA TYR C 178 -9.19 -23.09 15.17
C TYR C 178 -9.86 -23.58 16.46
N ALA C 179 -9.37 -24.70 16.97
CA ALA C 179 -9.95 -25.39 18.13
C ALA C 179 -9.98 -24.52 19.39
N SER C 180 -9.08 -23.53 19.45
CA SER C 180 -8.97 -22.69 20.63
C SER C 180 -9.40 -21.24 20.39
N SER C 181 -10.26 -21.05 19.41
CA SER C 181 -10.88 -19.75 19.15
C SER C 181 -11.68 -19.24 20.37
N LYS C 182 -11.85 -17.93 20.45
CA LYS C 182 -12.74 -17.34 21.45
C LYS C 182 -14.19 -17.76 21.21
N TYR C 183 -14.51 -18.10 19.96
CA TYR C 183 -15.87 -18.48 19.55
C TYR C 183 -15.91 -19.86 18.91
N GLU C 184 -16.88 -20.66 19.32
CA GLU C 184 -17.13 -21.95 18.67
C GLU C 184 -18.32 -21.83 17.71
N ILE C 185 -18.26 -22.60 16.63
CA ILE C 185 -19.29 -22.59 15.60
C ILE C 185 -20.38 -23.61 15.91
N LEU C 186 -21.62 -23.15 15.99
CA LEU C 186 -22.73 -24.05 16.17
C LEU C 186 -23.13 -24.62 14.81
N SER C 187 -23.14 -23.76 13.80
CA SER C 187 -23.31 -24.19 12.41
C SER C 187 -22.86 -23.10 11.42
N ALA C 188 -22.54 -23.53 10.20
CA ALA C 188 -22.12 -22.61 9.16
C ALA C 188 -22.49 -23.21 7.81
N THR C 189 -23.34 -22.50 7.08
CA THR C 189 -23.80 -22.98 5.77
C THR C 189 -23.46 -22.00 4.65
N GLN C 190 -23.34 -22.53 3.45
CA GLN C 190 -23.08 -21.78 2.23
C GLN C 190 -24.09 -22.17 1.17
N THR C 191 -24.98 -21.24 0.86
CA THR C 191 -26.13 -21.53 0.01
C THR C 191 -26.16 -20.61 -1.19
N ARG C 192 -26.20 -21.22 -2.37
CA ARG C 192 -26.38 -20.48 -3.59
C ARG C 192 -27.79 -19.90 -3.63
N GLN C 193 -27.89 -18.63 -3.99
CA GLN C 193 -29.15 -17.93 -4.07
C GLN C 193 -29.25 -17.25 -5.42
N VAL C 194 -30.40 -17.41 -6.07
CA VAL C 194 -30.73 -16.69 -7.29
C VAL C 194 -31.48 -15.43 -6.82
N GLN C 195 -30.84 -14.29 -7.00
CA GLN C 195 -31.27 -13.05 -6.37
C GLN C 195 -31.88 -12.08 -7.38
N HIS C 196 -33.04 -11.52 -7.04
CA HIS C 196 -33.72 -10.57 -7.91
C HIS C 196 -33.71 -9.13 -7.38
N TYR C 197 -33.21 -8.20 -8.19
CA TYR C 197 -33.19 -6.77 -7.88
C TYR C 197 -34.16 -5.99 -8.78
N SER C 198 -34.78 -4.95 -8.21
CA SER C 198 -35.73 -4.07 -8.91
C SER C 198 -35.18 -3.40 -10.16
N CYS C 199 -33.87 -3.23 -10.20
CA CYS C 199 -33.19 -2.53 -11.29
C CYS C 199 -33.23 -3.32 -12.58
N CYS C 200 -33.33 -4.64 -12.47
CA CYS C 200 -32.77 -5.52 -13.49
C CYS C 200 -33.57 -6.79 -13.76
N PRO C 201 -33.93 -7.03 -15.04
CA PRO C 201 -34.62 -8.27 -15.44
C PRO C 201 -33.81 -9.53 -15.15
N GLU C 202 -32.49 -9.43 -15.31
CA GLU C 202 -31.62 -10.58 -15.15
C GLU C 202 -31.25 -10.83 -13.69
N PRO C 203 -31.23 -12.11 -13.27
CA PRO C 203 -30.92 -12.44 -11.88
C PRO C 203 -29.42 -12.31 -11.61
N TYR C 204 -29.08 -12.05 -10.35
CA TYR C 204 -27.69 -12.06 -9.91
C TYR C 204 -27.54 -13.21 -8.94
N ILE C 205 -26.41 -13.93 -9.00
CA ILE C 205 -26.20 -15.09 -8.15
C ILE C 205 -25.24 -14.74 -7.02
N ASP C 206 -25.57 -15.16 -5.81
CA ASP C 206 -24.62 -15.08 -4.71
C ASP C 206 -24.59 -16.38 -3.90
N VAL C 207 -23.56 -16.50 -3.07
CA VAL C 207 -23.49 -17.55 -2.06
C VAL C 207 -23.60 -16.88 -0.70
N ASN C 208 -24.63 -17.29 0.04
CA ASN C 208 -24.90 -16.76 1.34
C ASN C 208 -24.24 -17.61 2.41
N LEU C 209 -23.37 -16.98 3.18
CA LEU C 209 -22.62 -17.64 4.22
C LEU C 209 -23.27 -17.30 5.55
N VAL C 210 -23.95 -18.27 6.17
CA VAL C 210 -24.66 -18.08 7.43
C VAL C 210 -23.90 -18.77 8.55
N VAL C 211 -23.42 -17.99 9.51
CA VAL C 211 -22.61 -18.52 10.61
C VAL C 211 -23.31 -18.31 11.95
N LYS C 212 -23.53 -19.41 12.66
CA LYS C 212 -24.14 -19.38 13.98
C LYS C 212 -23.06 -19.72 14.99
N PHE C 213 -22.89 -18.86 15.99
CA PHE C 213 -21.73 -18.99 16.85
C PHE C 213 -21.94 -18.44 18.26
N ARG C 214 -21.12 -18.92 19.19
CA ARG C 214 -21.17 -18.47 20.58
C ARG C 214 -19.79 -18.54 21.21
N GLU C 215 -19.62 -17.80 22.31
CA GLU C 215 -18.37 -17.74 23.07
C GLU C 215 -18.02 -19.12 23.62
N ARG C 216 -16.77 -19.54 23.47
CA ARG C 216 -16.31 -20.82 23.99
C ARG C 216 -16.36 -20.82 25.50
N ASP D 5 41.71 1.17 -12.31
CA ASP D 5 41.04 0.25 -13.27
C ASP D 5 40.75 -1.12 -12.65
N ASP D 6 41.28 -1.34 -11.44
CA ASP D 6 41.03 -2.57 -10.70
C ASP D 6 39.56 -2.67 -10.32
N ASP D 7 39.02 -1.56 -9.82
CA ASP D 7 37.61 -1.46 -9.45
C ASP D 7 36.67 -1.57 -10.65
N LEU D 8 37.04 -0.93 -11.75
CA LEU D 8 36.18 -0.85 -12.94
C LEU D 8 35.99 -2.21 -13.62
N HIS D 9 37.02 -3.05 -13.57
CA HIS D 9 36.96 -4.41 -14.14
C HIS D 9 36.11 -5.38 -13.32
N SER D 10 36.11 -5.20 -12.00
CA SER D 10 35.27 -6.01 -11.11
C SER D 10 33.79 -5.62 -11.17
N GLN D 11 33.53 -4.34 -11.46
CA GLN D 11 32.16 -3.84 -11.63
C GLN D 11 31.58 -4.31 -12.97
N ALA D 12 32.41 -4.26 -14.02
CA ALA D 12 32.01 -4.72 -15.35
C ALA D 12 31.75 -6.23 -15.39
N ASN D 13 32.56 -6.99 -14.65
CA ASN D 13 32.37 -8.44 -14.55
C ASN D 13 31.09 -8.82 -13.83
N LEU D 14 30.69 -8.02 -12.85
CA LEU D 14 29.45 -8.25 -12.13
C LEU D 14 28.24 -7.91 -12.99
N MET D 15 28.30 -6.78 -13.70
CA MET D 15 27.20 -6.38 -14.57
C MET D 15 27.00 -7.32 -15.76
N ARG D 16 28.11 -7.90 -16.23
CA ARG D 16 28.07 -8.90 -17.30
C ARG D 16 27.39 -10.18 -16.80
N LEU D 17 27.80 -10.63 -15.62
CA LEU D 17 27.24 -11.84 -15.02
C LEU D 17 25.74 -11.71 -14.81
N LYS D 18 25.31 -10.62 -14.18
CA LYS D 18 23.90 -10.35 -13.94
C LYS D 18 23.10 -10.28 -15.24
N SER D 19 23.72 -9.77 -16.30
CA SER D 19 23.12 -9.76 -17.64
C SER D 19 22.92 -11.16 -18.18
N ASP D 20 24.01 -11.94 -18.23
CA ASP D 20 23.96 -13.34 -18.67
C ASP D 20 22.88 -14.14 -17.94
N LEU D 21 22.72 -13.87 -16.64
CA LEU D 21 21.71 -14.54 -15.84
C LEU D 21 20.31 -13.92 -15.99
N PHE D 22 20.22 -12.59 -16.05
CA PHE D 22 18.92 -11.88 -15.98
C PHE D 22 18.47 -11.09 -17.22
N ASN D 23 19.25 -11.15 -18.29
CA ASN D 23 18.83 -10.56 -19.57
C ASN D 23 18.80 -11.64 -20.65
N ARG D 24 19.60 -12.68 -20.42
CA ARG D 24 19.32 -14.04 -20.91
C ARG D 24 18.81 -14.73 -19.60
N SER D 25 18.74 -16.05 -19.44
CA SER D 25 19.11 -17.11 -20.38
C SER D 25 18.35 -18.42 -20.09
N PRO D 26 17.03 -18.48 -20.38
CA PRO D 26 16.08 -17.43 -20.75
C PRO D 26 15.28 -16.90 -19.56
N MET D 27 14.73 -17.80 -18.74
CA MET D 27 13.91 -17.45 -17.56
C MET D 27 13.86 -18.61 -16.55
N TYR D 28 13.16 -18.44 -15.43
CA TYR D 28 12.84 -19.56 -14.53
C TYR D 28 11.36 -19.53 -14.13
N PRO D 29 10.60 -20.56 -14.54
CA PRO D 29 9.15 -20.63 -14.36
C PRO D 29 8.70 -21.37 -13.09
N GLY D 30 9.63 -21.61 -12.16
CA GLY D 30 9.31 -22.32 -10.94
C GLY D 30 9.59 -23.81 -11.04
N PRO D 31 9.55 -24.52 -9.90
CA PRO D 31 9.78 -25.96 -9.89
C PRO D 31 8.62 -26.73 -10.51
N THR D 32 8.92 -27.93 -11.00
CA THR D 32 7.90 -28.82 -11.56
C THR D 32 8.08 -30.23 -10.96
N LYS D 33 7.21 -31.17 -11.35
CA LYS D 33 7.33 -32.57 -10.90
C LYS D 33 8.64 -33.20 -11.38
N ASP D 34 9.04 -32.86 -12.60
CA ASP D 34 10.26 -33.40 -13.20
C ASP D 34 11.51 -32.59 -12.83
N ASP D 35 11.28 -31.40 -12.27
CA ASP D 35 12.37 -30.49 -11.93
C ASP D 35 12.15 -29.92 -10.51
N PRO D 36 12.06 -30.81 -9.50
CA PRO D 36 11.67 -30.37 -8.16
C PRO D 36 12.75 -29.57 -7.44
N LEU D 37 12.33 -28.81 -6.45
CA LEU D 37 13.21 -27.92 -5.72
C LEU D 37 13.17 -28.21 -4.24
N THR D 38 14.34 -28.17 -3.62
CA THR D 38 14.49 -28.29 -2.19
C THR D 38 14.64 -26.90 -1.55
N VAL D 39 13.67 -26.51 -0.74
CA VAL D 39 13.77 -25.30 0.06
C VAL D 39 14.01 -25.72 1.51
N THR D 40 15.12 -25.24 2.07
CA THR D 40 15.45 -25.44 3.47
C THR D 40 15.04 -24.21 4.28
N LEU D 41 14.29 -24.45 5.34
CA LEU D 41 13.64 -23.40 6.11
C LEU D 41 14.11 -23.48 7.55
N GLY D 42 14.34 -22.33 8.16
CA GLY D 42 14.75 -22.25 9.57
C GLY D 42 14.30 -20.95 10.20
N PHE D 43 14.00 -21.00 11.48
CA PHE D 43 13.48 -19.83 12.17
C PHE D 43 14.41 -19.35 13.27
N THR D 44 14.57 -18.04 13.34
CA THR D 44 15.27 -17.41 14.45
C THR D 44 14.25 -16.50 15.15
N LEU D 45 13.81 -16.91 16.33
CA LEU D 45 12.76 -16.19 17.03
C LEU D 45 13.35 -15.05 17.83
N GLN D 46 12.93 -13.84 17.49
CA GLN D 46 13.45 -12.66 18.17
C GLN D 46 12.57 -12.21 19.33
N ASP D 47 11.25 -12.21 19.12
CA ASP D 47 10.36 -11.63 20.12
C ASP D 47 8.94 -12.16 20.00
N ILE D 48 8.35 -12.47 21.15
CA ILE D 48 6.89 -12.48 21.27
C ILE D 48 6.49 -11.09 21.76
N VAL D 49 5.91 -10.31 20.86
CA VAL D 49 5.63 -8.90 21.16
C VAL D 49 4.42 -8.79 22.07
N LYS D 50 3.38 -9.56 21.74
CA LYS D 50 2.06 -9.34 22.28
C LYS D 50 1.24 -10.63 22.26
N ALA D 51 0.53 -10.86 23.35
CA ALA D 51 -0.37 -12.00 23.43
C ALA D 51 -1.74 -11.48 23.88
N ASP D 52 -2.65 -11.37 22.92
CA ASP D 52 -3.97 -10.79 23.13
C ASP D 52 -4.95 -11.89 23.54
N SER D 53 -5.38 -11.89 24.80
CA SER D 53 -6.30 -12.94 25.28
C SER D 53 -7.76 -12.66 24.94
N SER D 54 -8.04 -11.46 24.43
CA SER D 54 -9.40 -11.09 24.07
C SER D 54 -9.80 -11.54 22.65
N THR D 55 -8.81 -11.90 21.83
CA THR D 55 -9.04 -12.33 20.44
C THR D 55 -8.30 -13.63 20.10
N ASN D 56 -7.50 -14.14 21.03
CA ASN D 56 -6.61 -15.28 20.81
C ASN D 56 -5.67 -15.18 19.58
N GLU D 57 -5.01 -14.03 19.48
CA GLU D 57 -3.93 -13.79 18.51
C GLU D 57 -2.64 -13.52 19.27
N VAL D 58 -1.53 -13.95 18.70
CA VAL D 58 -0.22 -13.72 19.27
C VAL D 58 0.66 -13.14 18.18
N ASP D 59 1.46 -12.15 18.53
CA ASP D 59 2.34 -11.49 17.57
C ASP D 59 3.79 -11.92 17.79
N LEU D 60 4.41 -12.43 16.71
CA LEU D 60 5.80 -12.83 16.71
C LEU D 60 6.64 -11.94 15.82
N VAL D 61 7.91 -11.76 16.21
CA VAL D 61 8.93 -11.21 15.32
C VAL D 61 10.04 -12.25 15.20
N TYR D 62 10.41 -12.57 13.96
CA TYR D 62 11.40 -13.60 13.67
C TYR D 62 12.11 -13.36 12.33
N TYR D 63 13.25 -14.02 12.13
CA TYR D 63 13.89 -14.12 10.83
C TYR D 63 13.57 -15.49 10.25
N GLU D 64 13.17 -15.52 8.99
CA GLU D 64 12.87 -16.76 8.31
C GLU D 64 13.94 -17.04 7.26
N GLN D 65 14.87 -17.93 7.60
CA GLN D 65 15.93 -18.32 6.68
C GLN D 65 15.43 -19.30 5.61
N GLN D 66 15.57 -18.90 4.34
CA GLN D 66 15.21 -19.76 3.20
C GLN D 66 16.41 -19.93 2.30
N ARG D 67 16.70 -21.19 1.97
CA ARG D 67 17.80 -21.51 1.05
CA ARG D 67 17.79 -21.50 1.05
C ARG D 67 17.35 -22.51 0.00
N TRP D 68 17.76 -22.29 -1.24
CA TRP D 68 17.45 -23.19 -2.36
C TRP D 68 18.51 -23.03 -3.43
N LYS D 69 18.47 -23.91 -4.43
CA LYS D 69 19.56 -24.03 -5.39
C LYS D 69 18.99 -24.19 -6.79
N LEU D 70 19.35 -23.28 -7.69
CA LEU D 70 18.95 -23.38 -9.09
C LEU D 70 20.17 -23.43 -10.00
N ASN D 71 20.19 -24.41 -10.90
CA ASN D 71 21.22 -24.52 -11.91
C ASN D 71 21.28 -23.30 -12.83
N SER D 72 20.12 -22.69 -13.08
CA SER D 72 20.02 -21.52 -13.95
C SER D 72 20.70 -20.29 -13.34
N LEU D 73 21.22 -20.43 -12.13
CA LEU D 73 21.88 -19.34 -11.42
C LEU D 73 23.35 -19.66 -11.12
N MET D 74 23.81 -20.81 -11.61
CA MET D 74 25.20 -21.24 -11.47
C MET D 74 26.12 -20.52 -12.45
N TRP D 75 27.32 -20.18 -11.98
CA TRP D 75 28.37 -19.69 -12.87
C TRP D 75 29.74 -20.13 -12.36
N ASP D 76 30.73 -20.07 -13.26
CA ASP D 76 32.10 -20.37 -12.93
C ASP D 76 32.82 -19.06 -12.65
N PRO D 77 33.26 -18.85 -11.39
CA PRO D 77 33.94 -17.63 -10.98
C PRO D 77 35.12 -17.23 -11.88
N ASN D 78 35.74 -18.22 -12.53
CA ASN D 78 36.87 -17.96 -13.44
C ASN D 78 36.48 -17.16 -14.68
N GLU D 79 35.22 -17.29 -15.11
CA GLU D 79 34.72 -16.53 -16.26
C GLU D 79 34.35 -15.07 -15.94
N TYR D 80 34.30 -14.73 -14.65
CA TYR D 80 33.83 -13.41 -14.21
C TYR D 80 34.71 -12.74 -13.15
N GLY D 81 36.03 -12.88 -13.29
CA GLY D 81 36.99 -12.20 -12.41
C GLY D 81 36.90 -12.56 -10.94
N ASN D 82 36.77 -13.86 -10.67
CA ASN D 82 36.68 -14.40 -9.31
C ASN D 82 35.50 -13.89 -8.45
N ILE D 83 34.40 -13.53 -9.12
CA ILE D 83 33.15 -13.25 -8.42
C ILE D 83 32.49 -14.58 -8.06
N THR D 84 32.43 -14.84 -6.76
CA THR D 84 31.92 -16.10 -6.26
C THR D 84 30.47 -15.94 -5.76
N ASP D 85 29.93 -14.73 -5.88
CA ASP D 85 28.95 -14.27 -4.91
C ASP D 85 28.37 -12.88 -5.27
N PHE D 86 27.05 -12.72 -5.18
CA PHE D 86 26.41 -11.39 -5.39
C PHE D 86 25.04 -11.16 -4.73
N ARG D 87 24.72 -9.88 -4.54
CA ARG D 87 23.47 -9.43 -3.96
C ARG D 87 22.50 -8.98 -5.05
N THR D 88 21.21 -9.25 -4.82
CA THR D 88 20.17 -8.93 -5.79
C THR D 88 18.84 -8.70 -5.09
N SER D 89 18.03 -7.80 -5.63
CA SER D 89 16.68 -7.58 -5.15
C SER D 89 15.86 -8.86 -5.34
N ALA D 90 15.05 -9.21 -4.34
CA ALA D 90 14.27 -10.44 -4.35
C ALA D 90 13.11 -10.39 -5.35
N ALA D 91 12.78 -9.19 -5.83
CA ALA D 91 11.79 -9.06 -6.88
C ALA D 91 12.35 -9.53 -8.24
N ASP D 92 13.67 -9.59 -8.35
CA ASP D 92 14.32 -9.90 -9.63
C ASP D 92 14.58 -11.40 -9.88
N ILE D 93 14.26 -12.21 -8.88
CA ILE D 93 14.39 -13.67 -8.99
C ILE D 93 13.11 -14.34 -8.51
N TRP D 94 12.95 -15.62 -8.86
CA TRP D 94 11.91 -16.44 -8.27
C TRP D 94 12.24 -16.66 -6.78
N THR D 95 11.22 -16.57 -5.93
CA THR D 95 11.32 -16.97 -4.51
C THR D 95 10.15 -17.90 -4.16
N PRO D 96 10.35 -18.77 -3.14
CA PRO D 96 9.29 -19.71 -2.79
C PRO D 96 8.15 -19.02 -2.05
N ASP D 97 6.94 -19.55 -2.24
CA ASP D 97 5.72 -18.94 -1.70
C ASP D 97 5.40 -19.47 -0.29
N ILE D 98 6.40 -19.47 0.58
CA ILE D 98 6.23 -19.99 1.94
C ILE D 98 5.32 -19.08 2.76
N THR D 99 4.26 -19.68 3.27
CA THR D 99 3.16 -18.97 3.90
C THR D 99 2.81 -19.57 5.26
N ALA D 100 2.48 -18.73 6.23
CA ALA D 100 1.93 -19.19 7.49
C ALA D 100 0.49 -19.63 7.25
N TYR D 101 0.11 -20.77 7.80
CA TYR D 101 -1.23 -21.33 7.58
C TYR D 101 -2.34 -20.74 8.43
N SER D 102 -1.98 -20.19 9.59
CA SER D 102 -2.99 -19.70 10.53
C SER D 102 -2.73 -18.25 11.01
N SER D 103 -2.28 -17.39 10.09
CA SER D 103 -2.09 -15.97 10.41
C SER D 103 -3.44 -15.27 10.39
N THR D 104 -3.54 -14.14 11.08
CA THR D 104 -4.81 -13.43 11.17
C THR D 104 -4.74 -12.06 10.52
N ARG D 105 -3.52 -11.67 10.13
CA ARG D 105 -3.24 -10.40 9.48
CA ARG D 105 -3.24 -10.40 9.49
C ARG D 105 -2.17 -10.66 8.43
N PRO D 106 -2.12 -9.84 7.35
CA PRO D 106 -1.03 -10.06 6.39
C PRO D 106 0.32 -9.90 7.09
N VAL D 107 1.24 -10.80 6.80
CA VAL D 107 2.56 -10.76 7.41
C VAL D 107 3.24 -9.46 6.97
N GLN D 108 3.94 -8.84 7.91
CA GLN D 108 4.58 -7.57 7.68
C GLN D 108 6.09 -7.77 7.63
N VAL D 109 6.68 -7.33 6.51
CA VAL D 109 8.11 -7.51 6.26
C VAL D 109 8.91 -6.38 6.89
N LEU D 110 9.97 -6.74 7.61
CA LEU D 110 10.76 -5.79 8.40
C LEU D 110 12.11 -5.40 7.78
N SER D 111 12.60 -6.24 6.87
CA SER D 111 13.94 -6.13 6.30
C SER D 111 13.88 -5.84 4.80
N PRO D 112 14.96 -5.26 4.22
CA PRO D 112 15.05 -5.01 2.76
C PRO D 112 14.95 -6.34 2.03
N GLN D 113 14.17 -6.37 0.95
CA GLN D 113 13.89 -7.62 0.26
C GLN D 113 14.99 -7.93 -0.72
N ILE D 114 16.11 -8.39 -0.17
CA ILE D 114 17.34 -8.63 -0.94
C ILE D 114 17.85 -10.03 -0.63
N ALA D 115 18.31 -10.72 -1.67
CA ALA D 115 18.84 -12.07 -1.55
C ALA D 115 20.31 -12.10 -1.95
N VAL D 116 21.03 -13.10 -1.47
CA VAL D 116 22.41 -13.34 -1.85
C VAL D 116 22.51 -14.60 -2.71
N VAL D 117 23.16 -14.48 -3.86
CA VAL D 117 23.31 -15.58 -4.80
C VAL D 117 24.79 -16.00 -4.88
N THR D 118 25.06 -17.28 -4.66
CA THR D 118 26.41 -17.84 -4.70
C THR D 118 26.62 -18.56 -6.04
N HIS D 119 27.88 -18.65 -6.47
CA HIS D 119 28.22 -19.22 -7.78
C HIS D 119 27.77 -20.67 -7.99
N ASP D 120 27.48 -21.39 -6.90
CA ASP D 120 26.93 -22.74 -7.01
C ASP D 120 25.42 -22.73 -7.30
N GLY D 121 24.85 -21.54 -7.54
CA GLY D 121 23.43 -21.39 -7.87
C GLY D 121 22.54 -21.38 -6.65
N SER D 122 23.18 -21.28 -5.49
CA SER D 122 22.50 -21.29 -4.21
C SER D 122 22.00 -19.90 -3.86
N VAL D 123 20.76 -19.83 -3.39
CA VAL D 123 20.16 -18.56 -2.97
C VAL D 123 19.89 -18.57 -1.46
N MET D 124 20.28 -17.49 -0.79
CA MET D 124 20.03 -17.29 0.62
C MET D 124 19.13 -16.06 0.77
N PHE D 125 17.96 -16.27 1.38
CA PHE D 125 16.96 -15.21 1.54
C PHE D 125 16.42 -15.26 2.97
N ILE D 126 16.65 -14.19 3.73
CA ILE D 126 16.29 -14.15 5.16
C ILE D 126 15.47 -12.89 5.53
N PRO D 127 14.17 -12.89 5.18
CA PRO D 127 13.31 -11.79 5.60
C PRO D 127 12.99 -11.84 7.09
N ALA D 128 13.00 -10.67 7.72
CA ALA D 128 12.53 -10.53 9.09
C ALA D 128 11.04 -10.20 8.97
N GLN D 129 10.23 -10.78 9.85
CA GLN D 129 8.78 -10.66 9.74
C GLN D 129 8.09 -10.45 11.10
N ARG D 130 7.03 -9.64 11.09
CA ARG D 130 6.06 -9.65 12.19
C ARG D 130 4.80 -10.43 11.77
N LEU D 131 4.42 -11.41 12.60
CA LEU D 131 3.29 -12.28 12.30
C LEU D 131 2.27 -12.29 13.41
N SER D 132 1.00 -12.08 13.05
CA SER D 132 -0.14 -12.33 13.94
C SER D 132 -0.75 -13.69 13.59
N PHE D 133 -0.81 -14.59 14.57
CA PHE D 133 -1.39 -15.89 14.32
C PHE D 133 -2.27 -16.39 15.47
N MET D 134 -3.03 -17.44 15.18
CA MET D 134 -4.07 -17.92 16.08
C MET D 134 -3.40 -18.67 17.20
N CYS D 135 -3.62 -18.17 18.41
CA CYS D 135 -2.92 -18.66 19.57
C CYS D 135 -3.66 -18.23 20.84
N ASP D 136 -4.06 -19.22 21.63
CA ASP D 136 -4.73 -19.02 22.90
C ASP D 136 -3.68 -18.98 24.02
N PRO D 137 -3.41 -17.78 24.57
CA PRO D 137 -2.33 -17.62 25.54
C PRO D 137 -2.69 -18.01 26.98
N THR D 138 -3.79 -18.74 27.15
CA THR D 138 -4.17 -19.26 28.47
C THR D 138 -3.01 -20.03 29.11
N GLY D 139 -2.69 -19.68 30.36
CA GLY D 139 -1.63 -20.35 31.11
C GLY D 139 -0.30 -19.63 31.09
N VAL D 140 -0.17 -18.61 30.24
CA VAL D 140 1.06 -17.84 30.08
C VAL D 140 1.46 -17.12 31.39
N ASP D 141 0.47 -16.84 32.22
CA ASP D 141 0.65 -16.17 33.50
C ASP D 141 1.03 -17.18 34.59
N SER D 142 1.48 -18.36 34.19
CA SER D 142 1.81 -19.44 35.12
C SER D 142 3.19 -20.03 34.82
N GLU D 143 3.61 -20.98 35.64
CA GLU D 143 4.94 -21.59 35.53
C GLU D 143 5.04 -22.57 34.37
N GLU D 144 3.93 -23.23 34.01
CA GLU D 144 3.88 -24.13 32.87
C GLU D 144 3.85 -23.34 31.56
N GLY D 145 3.23 -22.16 31.61
CA GLY D 145 3.11 -21.29 30.43
C GLY D 145 2.07 -21.74 29.42
N ALA D 146 2.05 -21.06 28.27
CA ALA D 146 1.15 -21.39 27.18
C ALA D 146 1.92 -22.06 26.05
N THR D 147 1.25 -22.93 25.31
CA THR D 147 1.87 -23.51 24.12
C THR D 147 1.08 -23.06 22.89
N CYS D 148 1.79 -22.60 21.88
CA CYS D 148 1.15 -22.21 20.63
C CYS D 148 1.93 -22.74 19.46
N ALA D 149 1.26 -22.88 18.32
CA ALA D 149 1.84 -23.52 17.16
C ALA D 149 1.30 -22.91 15.87
N VAL D 150 2.18 -22.82 14.86
CA VAL D 150 1.82 -22.33 13.53
C VAL D 150 2.64 -23.05 12.47
N LYS D 151 1.97 -23.45 11.39
CA LYS D 151 2.59 -24.18 10.30
C LYS D 151 2.95 -23.28 9.13
N PHE D 152 4.12 -23.55 8.55
CA PHE D 152 4.59 -22.83 7.38
C PHE D 152 4.80 -23.79 6.21
N GLY D 153 4.30 -23.43 5.02
CA GLY D 153 4.48 -24.25 3.84
C GLY D 153 4.18 -23.47 2.57
N SER D 154 4.41 -24.09 1.42
CA SER D 154 3.99 -23.51 0.17
C SER D 154 2.46 -23.43 0.10
N TRP D 155 1.94 -22.33 -0.42
CA TRP D 155 0.50 -22.22 -0.61
C TRP D 155 0.03 -23.10 -1.78
N VAL D 156 0.82 -23.16 -2.84
CA VAL D 156 0.35 -23.73 -4.11
C VAL D 156 1.14 -24.94 -4.62
N TYR D 157 2.38 -25.10 -4.16
CA TYR D 157 3.21 -26.24 -4.57
C TYR D 157 3.10 -27.41 -3.61
N SER D 158 3.04 -28.60 -4.19
CA SER D 158 3.08 -29.82 -3.40
C SER D 158 4.52 -30.30 -3.15
N GLY D 159 4.66 -31.29 -2.28
CA GLY D 159 5.92 -31.96 -2.03
C GLY D 159 6.61 -32.58 -3.25
N PHE D 160 5.88 -32.74 -4.35
CA PHE D 160 6.46 -33.18 -5.62
C PHE D 160 7.14 -32.05 -6.42
N GLU D 161 6.90 -30.80 -6.03
CA GLU D 161 7.53 -29.64 -6.67
C GLU D 161 8.51 -28.94 -5.73
N ILE D 162 8.11 -28.73 -4.48
CA ILE D 162 8.99 -28.17 -3.47
C ILE D 162 9.12 -29.15 -2.32
N ASP D 163 10.33 -29.62 -2.05
CA ASP D 163 10.58 -30.38 -0.84
C ASP D 163 11.03 -29.43 0.27
N LEU D 164 10.18 -29.25 1.26
CA LEU D 164 10.54 -28.43 2.41
C LEU D 164 11.34 -29.25 3.39
N LYS D 165 12.44 -28.68 3.87
CA LYS D 165 13.18 -29.29 4.96
C LYS D 165 13.75 -28.27 5.94
N THR D 166 14.33 -28.79 7.01
CA THR D 166 14.98 -27.98 8.03
C THR D 166 16.38 -28.53 8.19
N ASP D 167 17.29 -27.73 8.77
CA ASP D 167 18.63 -28.21 9.12
C ASP D 167 18.62 -28.78 10.54
N THR D 168 17.66 -28.31 11.33
CA THR D 168 17.53 -28.71 12.73
C THR D 168 16.08 -28.53 13.17
N ASP D 169 15.69 -29.23 14.23
CA ASP D 169 14.37 -29.09 14.79
C ASP D 169 14.34 -28.03 15.90
N GLN D 170 15.47 -27.39 16.14
CA GLN D 170 15.61 -26.41 17.22
C GLN D 170 15.58 -25.00 16.67
N VAL D 171 14.58 -24.23 17.06
CA VAL D 171 14.53 -22.82 16.71
C VAL D 171 15.74 -22.09 17.32
N ASP D 172 16.37 -21.23 16.54
CA ASP D 172 17.49 -20.44 17.05
C ASP D 172 16.97 -19.34 17.99
N LEU D 173 17.35 -19.44 19.25
CA LEU D 173 16.89 -18.48 20.26
C LEU D 173 18.00 -17.55 20.72
N SER D 174 19.17 -17.65 20.08
CA SER D 174 20.36 -16.89 20.49
C SER D 174 20.22 -15.37 20.34
N SER D 175 19.24 -14.90 19.56
CA SER D 175 18.95 -13.47 19.63
C SER D 175 17.51 -13.13 20.03
N TYR D 176 16.92 -13.98 20.86
CA TYR D 176 15.63 -13.67 21.48
C TYR D 176 15.81 -12.49 22.42
N TYR D 177 14.94 -11.50 22.28
CA TYR D 177 15.01 -10.28 23.05
C TYR D 177 14.95 -10.57 24.57
N ALA D 178 16.03 -10.24 25.25
CA ALA D 178 16.20 -10.54 26.69
C ALA D 178 15.17 -9.88 27.59
N SER D 179 14.67 -8.71 27.19
CA SER D 179 13.70 -7.97 28.01
C SER D 179 12.27 -8.03 27.46
N SER D 180 11.97 -9.08 26.70
CA SER D 180 10.62 -9.34 26.23
C SER D 180 9.68 -9.53 27.40
N LYS D 181 8.40 -9.23 27.20
CA LYS D 181 7.36 -9.55 28.19
C LYS D 181 7.29 -11.06 28.45
N TYR D 182 7.77 -11.84 27.48
CA TYR D 182 7.67 -13.30 27.52
C TYR D 182 9.02 -14.01 27.38
N GLU D 183 9.27 -14.96 28.27
CA GLU D 183 10.41 -15.85 28.12
C GLU D 183 10.02 -17.12 27.38
N ILE D 184 10.94 -17.63 26.57
CA ILE D 184 10.73 -18.85 25.81
C ILE D 184 11.18 -20.05 26.62
N LEU D 185 10.26 -20.97 26.84
CA LEU D 185 10.57 -22.25 27.48
C LEU D 185 11.12 -23.22 26.45
N SER D 186 10.46 -23.30 25.30
CA SER D 186 10.98 -24.06 24.17
C SER D 186 10.36 -23.61 22.83
N ALA D 187 11.11 -23.84 21.76
CA ALA D 187 10.71 -23.47 20.41
C ALA D 187 11.29 -24.50 19.44
N THR D 188 10.41 -25.21 18.75
CA THR D 188 10.85 -26.26 17.84
C THR D 188 10.25 -26.03 16.46
N GLN D 189 10.92 -26.59 15.46
CA GLN D 189 10.46 -26.48 14.07
C GLN D 189 10.51 -27.87 13.44
N THR D 190 9.36 -28.43 13.10
CA THR D 190 9.27 -29.83 12.70
C THR D 190 8.60 -30.00 11.34
N ARG D 191 9.24 -30.78 10.47
CA ARG D 191 8.69 -31.12 9.15
C ARG D 191 7.57 -32.13 9.30
N GLN D 192 6.43 -31.87 8.64
CA GLN D 192 5.33 -32.83 8.61
C GLN D 192 4.86 -33.03 7.18
N VAL D 193 4.47 -34.24 6.85
CA VAL D 193 3.91 -34.55 5.53
C VAL D 193 2.39 -34.73 5.67
N GLN D 194 1.63 -33.97 4.90
CA GLN D 194 0.18 -33.98 5.02
C GLN D 194 -0.50 -34.28 3.70
N HIS D 195 -1.59 -35.04 3.75
CA HIS D 195 -2.42 -35.30 2.56
C HIS D 195 -3.81 -34.72 2.71
N TYR D 196 -4.37 -34.28 1.60
CA TYR D 196 -5.72 -33.74 1.59
C TYR D 196 -6.57 -34.55 0.63
N SER D 197 -7.84 -34.74 0.99
CA SER D 197 -8.81 -35.58 0.27
C SER D 197 -8.82 -35.47 -1.25
N CYS D 198 -8.81 -34.21 -1.73
CA CYS D 198 -8.87 -33.88 -3.17
C CYS D 198 -7.76 -34.50 -3.97
N CYS D 199 -6.61 -34.64 -3.31
CA CYS D 199 -5.34 -34.61 -4.00
C CYS D 199 -4.43 -35.78 -3.59
N PRO D 200 -3.87 -36.52 -4.59
CA PRO D 200 -2.92 -37.62 -4.35
C PRO D 200 -1.56 -37.17 -3.81
N GLU D 201 -1.10 -35.98 -4.21
CA GLU D 201 0.24 -35.49 -3.87
C GLU D 201 0.37 -35.14 -2.38
N PRO D 202 1.57 -35.34 -1.80
CA PRO D 202 1.88 -34.84 -0.46
C PRO D 202 2.05 -33.32 -0.40
N TYR D 203 1.77 -32.74 0.77
CA TYR D 203 1.97 -31.32 1.03
C TYR D 203 2.78 -31.20 2.30
N ILE D 204 3.84 -30.41 2.24
CA ILE D 204 4.84 -30.38 3.29
C ILE D 204 4.76 -29.04 4.00
N ASP D 205 4.81 -29.09 5.34
CA ASP D 205 4.93 -27.88 6.14
C ASP D 205 5.95 -28.08 7.25
N VAL D 206 6.32 -26.97 7.87
CA VAL D 206 7.15 -26.96 9.06
C VAL D 206 6.30 -26.37 10.18
N ASN D 207 6.11 -27.14 11.25
CA ASN D 207 5.34 -26.71 12.41
C ASN D 207 6.22 -26.08 13.47
N LEU D 208 5.96 -24.81 13.74
CA LEU D 208 6.68 -24.06 14.75
C LEU D 208 5.87 -24.05 16.04
N VAL D 209 6.37 -24.76 17.05
CA VAL D 209 5.72 -24.89 18.34
C VAL D 209 6.51 -24.08 19.36
N VAL D 210 5.86 -23.10 19.97
CA VAL D 210 6.49 -22.26 20.99
C VAL D 210 5.76 -22.41 22.32
N LYS D 211 6.52 -22.71 23.37
CA LYS D 211 6.01 -22.73 24.72
C LYS D 211 6.65 -21.53 25.41
N PHE D 212 5.84 -20.76 26.12
CA PHE D 212 6.30 -19.47 26.64
C PHE D 212 5.50 -19.04 27.85
N ARG D 213 6.08 -18.15 28.65
CA ARG D 213 5.40 -17.59 29.81
C ARG D 213 5.83 -16.15 30.06
N GLU D 214 5.07 -15.46 30.90
CA GLU D 214 5.39 -14.10 31.29
C GLU D 214 6.68 -14.05 32.11
N ARG D 215 7.61 -13.19 31.71
CA ARG D 215 8.89 -12.98 32.40
CA ARG D 215 8.88 -13.02 32.40
C ARG D 215 8.68 -12.43 33.79
N ARG D 216 9.39 -13.00 34.77
CA ARG D 216 9.37 -12.51 36.16
C ARG D 216 9.90 -11.07 36.29
N ASP E 6 20.08 33.12 -23.20
CA ASP E 6 19.08 32.28 -22.48
C ASP E 6 19.76 31.07 -21.83
N ASP E 7 20.50 31.32 -20.75
CA ASP E 7 21.21 30.25 -20.06
C ASP E 7 20.27 29.32 -19.29
N LYS E 8 19.07 29.81 -18.96
CA LYS E 8 18.06 29.01 -18.27
C LYS E 8 17.65 27.77 -19.08
N LEU E 9 17.54 27.95 -20.39
CA LEU E 9 17.28 26.84 -21.30
C LEU E 9 18.46 25.87 -21.36
N HIS E 10 19.68 26.41 -21.46
CA HIS E 10 20.90 25.61 -21.50
C HIS E 10 21.23 24.98 -20.15
N SER E 11 20.80 25.63 -19.07
CA SER E 11 20.94 25.14 -17.69
C SER E 11 20.22 23.82 -17.48
N GLN E 12 19.01 23.71 -18.06
CA GLN E 12 18.22 22.47 -18.03
C GLN E 12 18.88 21.37 -18.84
N ALA E 13 19.26 21.70 -20.08
CA ALA E 13 19.91 20.75 -20.99
C ALA E 13 21.26 20.27 -20.44
N ASN E 14 21.95 21.15 -19.72
CA ASN E 14 23.17 20.78 -19.00
C ASN E 14 22.90 19.72 -17.92
N LEU E 15 21.89 19.94 -17.10
CA LEU E 15 21.51 18.94 -16.08
C LEU E 15 20.97 17.67 -16.74
N MET E 16 20.13 17.83 -17.76
CA MET E 16 19.60 16.70 -18.52
C MET E 16 20.74 15.84 -19.09
N ARG E 17 21.75 16.50 -19.64
CA ARG E 17 22.90 15.80 -20.23
C ARG E 17 23.73 15.12 -19.14
N LEU E 18 23.93 15.82 -18.02
CA LEU E 18 24.66 15.27 -16.88
C LEU E 18 24.02 13.99 -16.34
N LYS E 19 22.72 14.03 -16.09
CA LYS E 19 21.98 12.88 -15.59
C LYS E 19 22.00 11.74 -16.60
N SER E 20 21.94 12.09 -17.88
CA SER E 20 22.02 11.10 -18.96
C SER E 20 23.40 10.41 -18.93
N ASP E 21 24.46 11.20 -19.07
CA ASP E 21 25.85 10.71 -18.99
C ASP E 21 26.14 9.78 -17.82
N LEU E 22 25.53 10.06 -16.67
CA LEU E 22 25.79 9.27 -15.47
C LEU E 22 24.90 8.03 -15.37
N PHE E 23 23.61 8.17 -15.70
CA PHE E 23 22.66 7.07 -15.54
C PHE E 23 22.57 6.17 -16.77
N ASN E 24 22.78 6.76 -17.94
CA ASN E 24 22.89 5.98 -19.18
C ASN E 24 24.38 5.77 -19.47
N ARG E 25 24.84 6.21 -20.65
CA ARG E 25 26.27 6.18 -21.06
C ARG E 25 27.25 5.26 -20.30
N SER E 26 27.35 5.46 -18.98
CA SER E 26 28.34 4.76 -18.15
C SER E 26 27.92 3.35 -17.75
N PRO E 27 28.90 2.45 -17.55
CA PRO E 27 28.63 1.17 -16.87
C PRO E 27 27.88 1.42 -15.57
N MET E 28 26.90 0.57 -15.27
CA MET E 28 26.07 0.70 -14.07
C MET E 28 26.87 0.37 -12.81
N TYR E 29 26.61 1.09 -11.72
CA TYR E 29 27.15 0.75 -10.39
C TYR E 29 26.23 -0.26 -9.72
N PRO E 30 26.74 -1.49 -9.48
CA PRO E 30 25.95 -2.62 -8.99
C PRO E 30 26.03 -2.83 -7.48
N GLY E 31 26.41 -1.80 -6.73
CA GLY E 31 26.66 -1.95 -5.29
C GLY E 31 28.10 -2.36 -4.99
N PRO E 32 28.47 -2.39 -3.70
CA PRO E 32 29.82 -2.73 -3.24
C PRO E 32 30.12 -4.23 -3.32
N THR E 33 31.40 -4.56 -3.45
CA THR E 33 31.89 -5.94 -3.45
C THR E 33 33.15 -6.04 -2.59
N LYS E 34 33.61 -7.27 -2.34
CA LYS E 34 34.88 -7.48 -1.64
C LYS E 34 36.04 -6.82 -2.38
N ASP E 35 35.98 -6.85 -3.71
CA ASP E 35 36.96 -6.18 -4.55
C ASP E 35 36.93 -4.65 -4.40
N ASP E 36 35.74 -4.12 -4.11
CA ASP E 36 35.53 -2.68 -4.01
C ASP E 36 34.63 -2.31 -2.82
N PRO E 37 35.18 -2.33 -1.58
CA PRO E 37 34.39 -1.94 -0.41
C PRO E 37 33.97 -0.47 -0.46
N LEU E 38 32.83 -0.17 0.14
CA LEU E 38 32.34 1.20 0.19
C LEU E 38 32.16 1.62 1.63
N THR E 39 32.79 2.74 2.00
CA THR E 39 32.52 3.35 3.29
C THR E 39 31.19 4.07 3.22
N VAL E 40 30.32 3.74 4.18
CA VAL E 40 29.04 4.41 4.35
C VAL E 40 29.03 5.04 5.73
N THR E 41 28.83 6.35 5.77
CA THR E 41 28.73 7.07 7.04
C THR E 41 27.28 7.20 7.46
N LEU E 42 27.04 6.92 8.73
CA LEU E 42 25.70 6.89 9.30
C LEU E 42 25.68 7.73 10.54
N GLY E 43 24.57 8.45 10.74
CA GLY E 43 24.38 9.30 11.92
C GLY E 43 22.91 9.57 12.15
N PHE E 44 22.53 9.76 13.41
CA PHE E 44 21.12 9.97 13.74
C PHE E 44 20.84 11.34 14.31
N THR E 45 19.71 11.90 13.92
CA THR E 45 19.16 13.10 14.55
C THR E 45 17.84 12.71 15.20
N LEU E 46 17.84 12.58 16.52
CA LEU E 46 16.65 12.14 17.24
C LEU E 46 15.68 13.28 17.44
N GLN E 47 14.50 13.16 16.87
CA GLN E 47 13.50 14.22 16.94
C GLN E 47 12.46 14.05 18.07
N ASP E 48 12.04 12.81 18.32
CA ASP E 48 10.99 12.58 19.31
C ASP E 48 10.94 11.11 19.74
N ILE E 49 10.73 10.90 21.04
CA ILE E 49 10.26 9.62 21.52
C ILE E 49 8.77 9.81 21.68
N VAL E 50 8.01 9.23 20.76
CA VAL E 50 6.56 9.49 20.70
C VAL E 50 5.78 8.68 21.73
N LYS E 51 6.17 7.44 21.95
CA LYS E 51 5.36 6.46 22.66
C LYS E 51 6.24 5.39 23.30
N ALA E 52 5.93 5.06 24.54
CA ALA E 52 6.60 3.96 25.25
C ALA E 52 5.53 3.01 25.79
N ASP E 53 5.47 1.80 25.24
CA ASP E 53 4.41 0.85 25.56
C ASP E 53 4.93 -0.31 26.45
N SER E 54 4.59 -0.26 27.73
CA SER E 54 5.01 -1.26 28.70
C SER E 54 4.18 -2.56 28.68
N SER E 55 3.04 -2.55 27.99
CA SER E 55 2.31 -3.80 27.80
C SER E 55 3.00 -4.72 26.77
N THR E 56 3.69 -4.13 25.79
CA THR E 56 4.33 -4.93 24.71
C THR E 56 5.85 -4.76 24.62
N ASN E 57 6.41 -3.92 25.48
CA ASN E 57 7.82 -3.52 25.40
C ASN E 57 8.26 -3.04 24.01
N GLU E 58 7.50 -2.06 23.54
CA GLU E 58 7.73 -1.40 22.26
CA GLU E 58 7.73 -1.40 22.26
C GLU E 58 7.85 0.10 22.49
N VAL E 59 8.86 0.72 21.86
CA VAL E 59 9.03 2.17 21.90
C VAL E 59 9.07 2.73 20.49
N ASP E 60 8.43 3.87 20.29
CA ASP E 60 8.32 4.53 18.99
C ASP E 60 9.19 5.79 18.91
N LEU E 61 10.08 5.82 17.92
CA LEU E 61 11.00 6.96 17.73
C LEU E 61 10.76 7.62 16.39
N VAL E 62 10.99 8.92 16.34
CA VAL E 62 11.08 9.66 15.10
C VAL E 62 12.46 10.27 15.01
N TYR E 63 13.17 10.00 13.90
CA TYR E 63 14.53 10.46 13.74
C TYR E 63 14.83 10.71 12.28
N TYR E 64 15.91 11.44 12.01
CA TYR E 64 16.48 11.53 10.67
C TYR E 64 17.69 10.62 10.63
N GLU E 65 17.80 9.83 9.58
CA GLU E 65 18.90 8.91 9.43
C GLU E 65 19.82 9.40 8.33
N GLN E 66 20.92 10.06 8.68
CA GLN E 66 21.82 10.55 7.66
C GLN E 66 22.70 9.44 7.10
N GLN E 67 22.63 9.25 5.79
CA GLN E 67 23.50 8.33 5.10
C GLN E 67 24.36 9.09 4.09
N ARG E 68 25.64 8.80 4.10
CA ARG E 68 26.58 9.47 3.20
C ARG E 68 27.57 8.43 2.65
N TRP E 69 27.77 8.47 1.34
CA TRP E 69 28.76 7.61 0.68
C TRP E 69 29.26 8.30 -0.58
N LYS E 70 30.32 7.76 -1.17
CA LYS E 70 31.05 8.44 -2.25
C LYS E 70 31.40 7.48 -3.39
N LEU E 71 31.07 7.86 -4.62
CA LEU E 71 31.33 6.97 -5.77
C LEU E 71 32.07 7.62 -6.92
N ASN E 72 33.04 6.90 -7.47
CA ASN E 72 33.73 7.31 -8.70
C ASN E 72 32.77 7.52 -9.85
N SER E 73 31.81 6.61 -10.00
CA SER E 73 30.85 6.65 -11.11
C SER E 73 29.77 7.75 -10.99
N LEU E 74 29.84 8.55 -9.93
CA LEU E 74 28.96 9.73 -9.80
C LEU E 74 29.74 11.06 -9.80
N MET E 75 31.04 10.99 -10.06
CA MET E 75 31.88 12.20 -10.14
C MET E 75 31.71 12.87 -11.49
N TRP E 76 31.86 14.19 -11.52
CA TRP E 76 31.95 14.93 -12.78
C TRP E 76 32.68 16.26 -12.60
N ASP E 77 33.05 16.86 -13.73
CA ASP E 77 33.71 18.16 -13.75
C ASP E 77 32.65 19.24 -14.05
N PRO E 78 32.39 20.13 -13.06
CA PRO E 78 31.39 21.19 -13.19
C PRO E 78 31.53 22.05 -14.46
N ASN E 79 32.78 22.33 -14.86
CA ASN E 79 33.06 23.10 -16.08
C ASN E 79 32.53 22.44 -17.36
N GLU E 80 32.50 21.11 -17.37
CA GLU E 80 31.94 20.36 -18.49
C GLU E 80 30.40 20.45 -18.51
N TYR E 81 29.80 20.78 -17.37
CA TYR E 81 28.35 20.82 -17.27
C TYR E 81 27.78 22.16 -16.77
N GLY E 82 28.28 23.27 -17.29
CA GLY E 82 27.77 24.60 -16.97
C GLY E 82 27.85 25.00 -15.50
N ASN E 83 28.97 24.64 -14.85
CA ASN E 83 29.22 24.92 -13.43
C ASN E 83 28.25 24.31 -12.42
N ILE E 84 27.65 23.19 -12.79
CA ILE E 84 26.76 22.42 -11.90
C ILE E 84 27.59 21.57 -10.94
N THR E 85 27.39 21.80 -9.64
CA THR E 85 28.19 21.16 -8.59
C THR E 85 27.44 20.09 -7.79
N ASP E 86 26.11 20.06 -7.92
CA ASP E 86 25.27 19.02 -7.31
C ASP E 86 23.90 18.94 -7.99
N PHE E 87 23.21 17.82 -7.82
CA PHE E 87 21.84 17.64 -8.32
C PHE E 87 20.99 16.72 -7.42
N ARG E 88 19.68 16.87 -7.52
CA ARG E 88 18.73 16.07 -6.78
C ARG E 88 18.18 14.97 -7.66
N THR E 89 18.02 13.79 -7.08
CA THR E 89 17.50 12.65 -7.81
C THR E 89 16.72 11.71 -6.88
N SER E 90 15.70 11.06 -7.43
CA SER E 90 14.94 10.05 -6.71
C SER E 90 15.90 9.00 -6.19
N ALA E 91 15.71 8.57 -4.94
CA ALA E 91 16.60 7.56 -4.35
C ALA E 91 16.43 6.22 -5.06
N ALA E 92 15.26 6.03 -5.67
CA ALA E 92 14.97 4.87 -6.51
C ALA E 92 15.87 4.74 -7.75
N ASP E 93 16.45 5.85 -8.22
CA ASP E 93 17.28 5.86 -9.43
C ASP E 93 18.74 5.52 -9.19
N ILE E 94 19.14 5.39 -7.93
CA ILE E 94 20.53 5.08 -7.60
C ILE E 94 20.61 3.94 -6.59
N TRP E 95 21.78 3.31 -6.49
CA TRP E 95 21.99 2.36 -5.41
C TRP E 95 21.99 3.11 -4.08
N THR E 96 21.26 2.57 -3.12
CA THR E 96 21.32 3.09 -1.75
C THR E 96 21.59 1.91 -0.83
N PRO E 97 22.25 2.16 0.31
CA PRO E 97 22.52 1.09 1.27
C PRO E 97 21.28 0.55 2.00
N ASP E 98 21.29 -0.75 2.26
CA ASP E 98 20.18 -1.44 2.92
C ASP E 98 20.33 -1.43 4.46
N ILE E 99 20.60 -0.25 5.03
CA ILE E 99 20.74 -0.07 6.48
C ILE E 99 19.39 -0.31 7.17
N THR E 100 19.39 -1.24 8.12
CA THR E 100 18.15 -1.74 8.71
C THR E 100 18.27 -1.73 10.24
N ALA E 101 17.18 -1.41 10.92
CA ALA E 101 17.10 -1.66 12.35
C ALA E 101 17.05 -3.19 12.54
N TYR E 102 17.84 -3.70 13.49
CA TYR E 102 17.90 -5.15 13.73
C TYR E 102 16.79 -5.68 14.62
N SER E 103 16.07 -4.79 15.31
CA SER E 103 15.05 -5.21 16.28
C SER E 103 13.78 -4.35 16.24
N SER E 104 13.39 -3.94 15.04
CA SER E 104 12.12 -3.26 14.85
C SER E 104 10.98 -4.26 15.07
N THR E 105 9.80 -3.75 15.40
CA THR E 105 8.64 -4.61 15.63
C THR E 105 7.55 -4.37 14.59
N ARG E 106 7.72 -3.31 13.79
CA ARG E 106 6.80 -2.94 12.71
CA ARG E 106 6.80 -2.96 12.70
C ARG E 106 7.59 -2.39 11.53
N PRO E 107 7.09 -2.55 10.27
CA PRO E 107 7.88 -1.93 9.20
C PRO E 107 8.11 -0.45 9.49
N VAL E 108 9.35 0.00 9.30
CA VAL E 108 9.69 1.41 9.45
C VAL E 108 8.85 2.23 8.46
N GLN E 109 8.40 3.39 8.92
CA GLN E 109 7.57 4.29 8.12
C GLN E 109 8.39 5.51 7.72
N VAL E 110 8.52 5.73 6.40
CA VAL E 110 9.25 6.86 5.86
C VAL E 110 8.40 8.13 5.87
N LEU E 111 8.97 9.20 6.42
CA LEU E 111 8.24 10.45 6.65
C LEU E 111 8.59 11.53 5.62
N SER E 112 9.65 11.30 4.85
CA SER E 112 10.15 12.28 3.91
C SER E 112 10.16 11.73 2.47
N PRO E 113 10.22 12.62 1.46
CA PRO E 113 10.30 12.22 0.06
C PRO E 113 11.62 11.50 -0.19
N GLN E 114 11.60 10.41 -0.92
CA GLN E 114 12.80 9.58 -1.10
C GLN E 114 13.71 10.14 -2.19
N ILE E 115 14.42 11.20 -1.86
CA ILE E 115 15.22 11.95 -2.83
C ILE E 115 16.62 12.15 -2.24
N ALA E 116 17.63 11.93 -3.07
CA ALA E 116 19.03 12.11 -2.64
C ALA E 116 19.72 13.28 -3.33
N VAL E 117 20.83 13.71 -2.75
CA VAL E 117 21.63 14.78 -3.31
C VAL E 117 23.01 14.23 -3.72
N VAL E 118 23.33 14.41 -5.00
CA VAL E 118 24.57 13.90 -5.56
C VAL E 118 25.43 15.11 -5.86
N THR E 119 26.68 15.09 -5.38
CA THR E 119 27.62 16.20 -5.52
C THR E 119 28.72 15.80 -6.49
N HIS E 120 29.33 16.78 -7.16
CA HIS E 120 30.31 16.53 -8.24
C HIS E 120 31.52 15.65 -7.86
N ASP E 121 31.91 15.71 -6.60
CA ASP E 121 33.01 14.88 -6.09
C ASP E 121 32.59 13.43 -5.90
N GLY E 122 31.35 13.11 -6.29
CA GLY E 122 30.83 11.74 -6.22
C GLY E 122 30.11 11.37 -4.93
N SER E 123 30.00 12.31 -4.00
CA SER E 123 29.35 12.02 -2.74
C SER E 123 27.82 12.12 -2.80
N VAL E 124 27.16 11.20 -2.13
CA VAL E 124 25.71 11.15 -2.07
C VAL E 124 25.28 11.48 -0.65
N MET E 125 24.30 12.37 -0.51
CA MET E 125 23.67 12.63 0.78
C MET E 125 22.23 12.14 0.71
N PHE E 126 21.84 11.30 1.65
CA PHE E 126 20.48 10.74 1.72
C PHE E 126 20.04 10.70 3.19
N ILE E 127 18.97 11.43 3.50
CA ILE E 127 18.56 11.59 4.90
C ILE E 127 17.07 11.33 5.10
N PRO E 128 16.65 10.04 5.07
CA PRO E 128 15.23 9.74 5.34
C PRO E 128 14.81 10.07 6.78
N ALA E 129 13.65 10.70 6.91
CA ALA E 129 12.99 10.84 8.20
C ALA E 129 12.15 9.57 8.40
N GLN E 130 12.18 9.01 9.60
CA GLN E 130 11.58 7.70 9.83
C GLN E 130 10.86 7.62 11.16
N ARG E 131 9.74 6.90 11.19
CA ARG E 131 9.18 6.43 12.46
C ARG E 131 9.46 4.95 12.64
N LEU E 132 10.05 4.60 13.77
CA LEU E 132 10.43 3.21 14.07
C LEU E 132 9.90 2.72 15.40
N SER E 133 9.23 1.57 15.36
CA SER E 133 8.88 0.81 16.55
C SER E 133 9.94 -0.26 16.76
N PHE E 134 10.48 -0.32 17.99
CA PHE E 134 11.51 -1.31 18.28
C PHE E 134 11.43 -1.86 19.71
N MET E 135 12.17 -2.94 19.96
CA MET E 135 12.08 -3.67 21.22
C MET E 135 12.80 -2.91 22.32
N CYS E 136 12.00 -2.48 23.29
CA CYS E 136 12.49 -1.65 24.39
C CYS E 136 11.61 -1.86 25.61
N ASP E 137 12.24 -2.23 26.72
CA ASP E 137 11.55 -2.29 28.01
C ASP E 137 11.63 -0.90 28.64
N PRO E 138 10.49 -0.18 28.74
CA PRO E 138 10.51 1.18 29.30
C PRO E 138 10.37 1.23 30.82
N THR E 139 10.66 0.12 31.51
CA THR E 139 10.66 0.09 32.99
C THR E 139 11.66 1.10 33.55
N GLY E 140 11.21 1.87 34.54
CA GLY E 140 12.04 2.89 35.17
C GLY E 140 11.99 4.25 34.51
N VAL E 141 11.19 4.39 33.45
CA VAL E 141 11.03 5.67 32.75
C VAL E 141 10.36 6.74 33.63
N ASP E 142 9.54 6.29 34.57
CA ASP E 142 8.85 7.19 35.50
C ASP E 142 9.70 7.61 36.71
N SER E 143 11.00 7.33 36.67
CA SER E 143 11.92 7.66 37.75
C SER E 143 13.02 8.61 37.28
N GLU E 144 13.86 9.07 38.20
CA GLU E 144 14.92 10.04 37.90
C GLU E 144 16.00 9.46 36.99
N GLU E 145 16.42 8.22 37.26
CA GLU E 145 17.43 7.54 36.45
CA GLU E 145 17.44 7.53 36.46
C GLU E 145 16.94 7.21 35.03
N GLY E 146 15.62 7.20 34.86
CA GLY E 146 15.03 6.93 33.55
C GLY E 146 15.17 5.48 33.12
N ALA E 147 14.83 5.22 31.86
CA ALA E 147 14.97 3.89 31.26
C ALA E 147 16.06 3.93 30.19
N THR E 148 16.62 2.77 29.85
CA THR E 148 17.64 2.68 28.82
C THR E 148 17.28 1.63 27.79
N CYS E 149 17.31 2.04 26.53
CA CYS E 149 17.07 1.11 25.43
C CYS E 149 18.09 1.31 24.32
N ALA E 150 18.25 0.28 23.49
CA ALA E 150 19.19 0.32 22.40
C ALA E 150 18.63 -0.47 21.22
N VAL E 151 19.02 -0.03 20.03
CA VAL E 151 18.66 -0.71 18.78
C VAL E 151 19.84 -0.55 17.83
N LYS E 152 20.15 -1.62 17.12
CA LYS E 152 21.29 -1.64 16.22
C LYS E 152 20.84 -1.46 14.79
N PHE E 153 21.64 -0.70 14.04
CA PHE E 153 21.38 -0.45 12.64
C PHE E 153 22.56 -0.99 11.88
N GLY E 154 22.30 -1.71 10.79
CA GLY E 154 23.36 -2.28 10.01
C GLY E 154 22.78 -2.80 8.73
N SER E 155 23.66 -3.07 7.78
CA SER E 155 23.29 -3.68 6.52
C SER E 155 22.68 -5.06 6.76
N TRP E 156 21.64 -5.37 5.99
CA TRP E 156 20.99 -6.66 6.07
C TRP E 156 21.79 -7.75 5.35
N VAL E 157 22.37 -7.42 4.20
CA VAL E 157 22.98 -8.45 3.34
C VAL E 157 24.49 -8.32 3.08
N TYR E 158 25.06 -7.14 3.33
CA TYR E 158 26.49 -6.92 3.13
C TYR E 158 27.32 -7.07 4.40
N SER E 159 28.48 -7.71 4.28
CA SER E 159 29.43 -7.79 5.39
C SER E 159 30.30 -6.53 5.42
N GLY E 160 31.11 -6.43 6.48
CA GLY E 160 32.09 -5.35 6.64
C GLY E 160 33.12 -5.29 5.52
N PHE E 161 33.26 -6.37 4.76
CA PHE E 161 34.16 -6.34 3.60
C PHE E 161 33.54 -5.59 2.41
N GLU E 162 32.22 -5.39 2.43
CA GLU E 162 31.51 -4.69 1.35
C GLU E 162 31.06 -3.31 1.76
N ILE E 163 30.33 -3.26 2.88
CA ILE E 163 29.95 -1.97 3.44
C ILE E 163 30.77 -1.71 4.71
N ASP E 164 31.69 -0.76 4.57
CA ASP E 164 32.54 -0.32 5.64
C ASP E 164 31.75 0.77 6.37
N LEU E 165 31.05 0.35 7.43
CA LEU E 165 30.09 1.23 8.09
C LEU E 165 30.75 1.99 9.21
N LYS E 166 30.54 3.31 9.24
CA LYS E 166 31.10 4.14 10.29
C LYS E 166 30.16 5.28 10.66
N THR E 167 30.46 5.93 11.79
CA THR E 167 29.82 7.17 12.19
C THR E 167 30.89 8.26 12.15
N ASP E 168 30.45 9.52 12.02
CA ASP E 168 31.36 10.69 12.08
C ASP E 168 31.54 11.14 13.51
N THR E 169 30.57 10.82 14.35
CA THR E 169 30.63 11.11 15.78
C THR E 169 29.88 10.00 16.51
N ASP E 170 30.22 9.78 17.77
CA ASP E 170 29.43 8.85 18.57
C ASP E 170 28.30 9.53 19.36
N GLN E 171 28.16 10.84 19.20
CA GLN E 171 27.08 11.60 19.84
C GLN E 171 25.89 11.76 18.89
N VAL E 172 24.71 11.35 19.34
CA VAL E 172 23.48 11.56 18.56
C VAL E 172 23.15 13.05 18.55
N ASP E 173 22.74 13.56 17.39
CA ASP E 173 22.35 14.95 17.29
C ASP E 173 20.98 15.15 17.96
N LEU E 174 20.97 15.98 19.00
CA LEU E 174 19.74 16.27 19.72
C LEU E 174 19.32 17.74 19.55
N SER E 175 19.99 18.47 18.66
CA SER E 175 19.72 19.91 18.49
C SER E 175 18.30 20.19 17.98
N SER E 176 17.60 19.18 17.50
CA SER E 176 16.18 19.40 17.23
C SER E 176 15.24 18.36 17.83
N TYR E 177 15.66 17.78 18.95
CA TYR E 177 14.75 16.97 19.75
C TYR E 177 13.61 17.87 20.24
N TYR E 178 12.38 17.40 20.05
CA TYR E 178 11.17 18.17 20.33
C TYR E 178 11.06 18.53 21.81
N ALA E 179 11.07 19.83 22.10
CA ALA E 179 11.19 20.36 23.45
C ALA E 179 9.98 20.03 24.34
N SER E 180 8.83 19.77 23.73
CA SER E 180 7.62 19.43 24.49
C SER E 180 7.21 17.96 24.39
N SER E 181 8.15 17.10 24.02
CA SER E 181 7.95 15.65 24.01
C SER E 181 7.47 15.15 25.37
N LYS E 182 6.74 14.03 25.36
CA LYS E 182 6.38 13.36 26.60
C LYS E 182 7.62 12.84 27.34
N TYR E 183 8.72 12.71 26.60
CA TYR E 183 9.94 12.15 27.17
C TYR E 183 11.14 13.05 26.93
N GLU E 184 11.95 13.20 27.97
CA GLU E 184 13.19 13.94 27.83
C GLU E 184 14.35 12.96 27.63
N ILE E 185 15.37 13.39 26.91
CA ILE E 185 16.53 12.57 26.65
C ILE E 185 17.59 12.94 27.67
N LEU E 186 18.13 11.92 28.32
CA LEU E 186 19.24 12.13 29.24
C LEU E 186 20.55 11.90 28.50
N SER E 187 20.55 10.94 27.56
CA SER E 187 21.66 10.74 26.63
C SER E 187 21.30 9.82 25.46
N ALA E 188 22.04 10.00 24.38
CA ALA E 188 21.83 9.25 23.15
C ALA E 188 23.17 9.14 22.43
N THR E 189 23.63 7.91 22.26
CA THR E 189 24.91 7.66 21.63
C THR E 189 24.73 6.68 20.48
N GLN E 190 25.62 6.79 19.50
CA GLN E 190 25.64 5.92 18.33
C GLN E 190 27.06 5.36 18.22
N THR E 191 27.21 4.05 18.36
CA THR E 191 28.53 3.43 18.48
C THR E 191 28.67 2.24 17.52
N ARG E 192 29.70 2.30 16.67
CA ARG E 192 29.99 1.19 15.77
CA ARG E 192 30.01 1.19 15.76
C ARG E 192 30.51 -0.01 16.55
N GLN E 193 30.05 -1.20 16.16
CA GLN E 193 30.47 -2.45 16.78
C GLN E 193 30.82 -3.45 15.69
N VAL E 194 31.72 -4.37 15.99
CA VAL E 194 32.08 -5.45 15.07
C VAL E 194 31.63 -6.77 15.68
N GLN E 195 30.97 -7.60 14.87
CA GLN E 195 30.43 -8.88 15.31
C GLN E 195 30.75 -9.98 14.28
N HIS E 196 30.82 -11.21 14.78
CA HIS E 196 31.08 -12.38 13.95
C HIS E 196 30.05 -13.47 14.17
N TYR E 197 29.80 -14.26 13.13
CA TYR E 197 28.83 -15.34 13.18
C TYR E 197 29.48 -16.63 12.66
N SER E 198 29.04 -17.76 13.21
CA SER E 198 29.53 -19.07 12.79
C SER E 198 28.78 -19.52 11.54
N CYS E 199 29.17 -18.92 10.42
CA CYS E 199 28.70 -19.24 9.07
C CYS E 199 29.76 -18.64 8.19
N CYS E 200 30.30 -17.54 8.70
CA CYS E 200 30.90 -16.53 7.88
C CYS E 200 32.26 -16.12 8.45
N PRO E 201 33.30 -16.08 7.60
CA PRO E 201 34.60 -15.56 8.04
C PRO E 201 34.62 -14.02 8.10
N GLU E 202 33.75 -13.40 7.30
CA GLU E 202 33.68 -11.93 7.19
C GLU E 202 33.14 -11.29 8.45
N PRO E 203 33.71 -10.14 8.84
CA PRO E 203 33.18 -9.36 9.96
C PRO E 203 31.90 -8.64 9.58
N TYR E 204 31.02 -8.45 10.56
CA TYR E 204 29.80 -7.68 10.36
C TYR E 204 29.75 -6.46 11.27
N ILE E 205 29.29 -5.34 10.72
CA ILE E 205 29.32 -4.08 11.43
C ILE E 205 27.92 -3.54 11.60
N ASP E 206 27.65 -3.01 12.79
CA ASP E 206 26.43 -2.26 13.06
C ASP E 206 26.73 -1.01 13.89
N VAL E 207 25.75 -0.11 13.92
CA VAL E 207 25.78 1.08 14.77
C VAL E 207 24.68 0.94 15.82
N ASN E 208 25.09 1.02 17.09
CA ASN E 208 24.19 0.79 18.22
C ASN E 208 23.72 2.13 18.79
N LEU E 209 22.45 2.43 18.52
CA LEU E 209 21.82 3.62 19.05
C LEU E 209 21.30 3.28 20.44
N VAL E 210 21.87 3.97 21.44
CA VAL E 210 21.57 3.75 22.85
C VAL E 210 20.96 5.03 23.40
N VAL E 211 19.68 4.96 23.74
CA VAL E 211 18.96 6.11 24.27
C VAL E 211 18.55 5.86 25.73
N LYS E 212 18.96 6.81 26.58
CA LYS E 212 18.52 6.86 27.96
C LYS E 212 17.51 8.02 28.04
N PHE E 213 16.37 7.79 28.69
CA PHE E 213 15.26 8.75 28.65
C PHE E 213 14.29 8.58 29.81
N ARG E 214 13.53 9.63 30.09
CA ARG E 214 12.57 9.60 31.20
C ARG E 214 11.36 10.48 30.92
N GLU E 215 10.31 10.27 31.70
CA GLU E 215 9.11 11.11 31.62
C GLU E 215 9.45 12.55 32.01
N ARG E 216 8.96 13.49 31.20
CA ARG E 216 9.20 14.91 31.44
C ARG E 216 8.38 15.34 32.65
N ARG E 217 9.00 16.07 33.58
CA ARG E 217 8.30 16.57 34.76
C ARG E 217 8.82 17.93 35.21
O6 GYN F . 12.63 23.15 12.10
C5 GYN F . 13.31 22.15 12.05
O1 GYN F . 14.44 22.03 11.15
C2 GYN F . 15.00 20.73 11.39
C3 GYN F . 13.99 19.92 12.20
C4 GYN F . 13.06 20.93 12.87
C7 GYN F . 11.59 20.55 12.86
C8 GYN F . 15.34 20.10 10.07
C13 GYN F . 16.63 19.85 9.76
C14 GYN F . 17.70 20.01 10.82
C12 GYN F . 17.09 19.42 8.38
C27 GYN F . 16.02 19.67 7.30
C10 GYN F . 14.68 19.15 7.84
C9 GYN F . 14.21 19.80 9.13
C15 GYN F . 18.39 20.14 8.03
C16 GYN F . 19.60 19.57 7.89
C19 GYN F . 19.85 18.09 8.05
C17 GYN F . 20.76 20.49 7.55
O20 GYN F . 21.69 20.45 8.64
C18 GYN F . 21.47 20.03 6.28
C21 GYN F . 20.89 20.60 5.00
C43 GYN F . 20.21 19.53 4.15
C47 GYN F . 20.08 19.92 2.68
C48 GYN F . 20.16 18.60 1.93
C49 GYN F . 21.37 18.61 0.99
O43 GYN F . 20.85 18.25 4.13
C37 GYN F . 20.33 17.53 3.00
C36 GYN F . 19.01 16.84 3.29
C38 GYN F . 18.51 15.76 2.37
C35 GYN F . 18.31 17.21 4.40
C34 GYN F . 16.98 16.65 4.85
C33 GYN F . 16.55 17.31 6.18
C32 GYN F . 16.30 18.81 6.07
N31 GYN F . 16.29 19.36 4.93
C30 GYN F . 15.73 20.63 4.51
C46 GYN F . 16.20 21.64 5.55
C28 GYN F . 15.93 21.18 6.98
O6 GYN G . -18.16 23.18 0.91
C5 GYN G . -16.95 23.24 1.11
O1 GYN G . -16.06 23.90 0.18
C2 GYN G . -14.73 23.68 0.64
C3 GYN G . -14.80 22.65 1.77
C4 GYN G . -16.24 22.68 2.29
C7 GYN G . -16.81 21.34 2.74
C8 GYN G . -13.88 23.27 -0.54
C13 GYN G . -13.08 24.18 -1.15
C14 GYN G . -12.90 25.54 -0.52
C12 GYN G . -12.33 23.88 -2.44
C27 GYN G . -12.80 22.61 -3.15
C10 GYN G . -13.03 21.48 -2.13
C9 GYN G . -14.01 21.85 -1.02
C15 GYN G . -12.41 25.05 -3.40
C16 GYN G . -11.37 25.84 -3.75
C19 GYN G . -9.98 25.65 -3.16
C17 GYN G . -11.62 26.96 -4.73
O20 GYN G . -11.48 28.20 -4.01
C18 GYN G . -10.63 26.94 -5.88
C21 GYN G . -11.12 26.19 -7.12
C43 GYN G . -10.28 24.94 -7.36
C47 GYN G . -10.40 24.36 -8.76
C48 GYN G . -9.03 23.76 -9.04
C49 GYN G . -8.34 24.51 -10.19
O43 GYN G . -8.86 25.10 -7.16
C37 GYN G . -8.25 23.95 -7.74
C36 GYN G . -8.33 22.73 -6.84
C38 GYN G . -7.56 21.48 -7.18
C35 GYN G . -9.08 22.78 -5.70
C34 GYN G . -9.25 21.62 -4.75
C33 GYN G . -10.26 21.93 -3.64
C32 GYN G . -11.72 22.05 -4.08
N31 GYN G . -12.05 21.65 -5.22
C30 GYN G . -13.03 22.20 -6.14
C46 GYN G . -14.30 22.40 -5.32
C28 GYN G . -14.09 22.97 -3.91
O6 GYN H . -27.11 -8.43 0.08
C5 GYN H . -27.08 -7.30 -0.37
O1 GYN H . -27.43 -7.00 -1.75
C2 GYN H . -27.19 -5.60 -1.93
C3 GYN H . -26.43 -5.09 -0.69
C4 GYN H . -26.67 -6.11 0.42
C7 GYN H . -25.48 -6.43 1.30
C8 GYN H . -26.38 -5.39 -3.18
C13 GYN H . -26.77 -4.49 -4.10
C14 GYN H . -27.95 -3.59 -3.80
C12 GYN H . -26.06 -4.31 -5.43
C27 GYN H . -25.01 -5.41 -5.71
C10 GYN H . -24.22 -5.70 -4.44
C9 GYN H . -25.14 -6.24 -3.36
C15 GYN H . -27.06 -4.21 -6.58
C16 GYN H . -27.34 -3.06 -7.26
C19 GYN H . -26.67 -1.76 -6.94
C17 GYN H . -28.35 -3.14 -8.38
O20 GYN H . -29.48 -2.30 -8.10
C18 GYN H . -27.73 -2.67 -9.69
C21 GYN H . -27.32 -3.82 -10.60
C43 GYN H . -25.82 -3.76 -10.83
C47 GYN H . -25.32 -4.57 -12.01
C48 GYN H . -24.12 -3.78 -12.50
C49 GYN H . -24.27 -3.34 -13.95
O43 GYN H . -25.34 -2.44 -11.08
C37 GYN H . -24.02 -2.56 -11.59
C36 GYN H . -23.01 -2.73 -10.46
C38 GYN H . -21.55 -2.64 -10.78
C35 GYN H . -23.45 -2.95 -9.19
C34 GYN H . -22.57 -3.15 -7.97
C33 GYN H . -23.42 -3.51 -6.74
C32 GYN H . -23.99 -4.93 -6.75
N31 GYN H . -23.57 -5.73 -7.62
C30 GYN H . -24.23 -6.91 -8.18
C46 GYN H . -24.84 -7.64 -6.99
C28 GYN H . -25.72 -6.71 -6.17
O6 GYN I . -2.75 -27.27 9.17
C5 GYN I . -3.56 -26.75 8.44
O1 GYN I . -3.72 -27.13 7.05
C2 GYN I . -4.83 -26.36 6.56
C3 GYN I . -5.09 -25.22 7.55
C4 GYN I . -4.50 -25.67 8.88
C7 GYN I . -3.76 -24.59 9.65
C8 GYN I . -4.53 -25.90 5.15
C13 GYN I . -5.35 -26.23 4.14
C14 GYN I . -6.67 -26.90 4.43
C12 GYN I . -5.01 -25.98 2.69
C27 GYN I . -3.55 -25.54 2.45
C10 GYN I . -3.17 -24.53 3.53
C9 GYN I . -3.28 -25.08 4.94
C15 GYN I . -5.34 -27.25 1.95
C16 GYN I . -6.32 -27.37 1.03
C19 GYN I . -7.20 -26.22 0.65
C17 GYN I . -6.47 -28.74 0.43
O20 GYN I . -7.84 -28.99 0.10
C18 GYN I . -5.50 -28.98 -0.73
C21 GYN I . -5.89 -28.41 -2.08
C43 GYN I . -4.90 -27.35 -2.49
C47 GYN I . -3.81 -27.78 -3.45
C48 GYN I . -3.49 -26.51 -4.22
C49 GYN I . -3.41 -26.78 -5.72
O43 GYN I . -5.57 -26.33 -3.21
C37 GYN I . -4.64 -25.55 -3.95
C36 GYN I . -4.29 -24.31 -3.14
C38 GYN I . -3.81 -23.08 -3.85
C35 GYN I . -4.45 -24.36 -1.79
C34 GYN I . -4.16 -23.26 -0.80
C33 GYN I . -4.41 -23.77 0.63
C32 GYN I . -3.41 -24.80 1.13
N31 GYN I . -2.38 -25.01 0.43
C30 GYN I . -1.34 -26.03 0.48
C46 GYN I . -1.26 -26.56 1.91
C28 GYN I . -2.65 -26.79 2.49
O6 GYN J . 22.41 -7.76 17.35
C5 GYN J . 21.72 -8.57 16.74
O1 GYN J . 22.24 -9.31 15.62
C2 GYN J . 21.23 -10.25 15.24
C3 GYN J . 19.91 -9.79 15.87
C4 GYN J . 20.30 -8.92 17.06
C7 GYN J . 19.41 -7.70 17.26
C8 GYN J . 21.19 -10.32 13.73
C13 GYN J . 21.49 -11.46 13.11
C14 GYN J . 21.70 -12.71 13.92
C12 GYN J . 21.66 -11.55 11.59
C27 GYN J . 21.74 -10.16 10.91
C10 GYN J . 20.64 -9.27 11.48
C9 GYN J . 20.83 -9.04 12.98
C15 GYN J . 22.86 -12.42 11.20
C16 GYN J . 22.80 -13.68 10.72
C19 GYN J . 21.49 -14.40 10.53
C17 GYN J . 24.08 -14.39 10.36
O20 GYN J . 24.22 -15.58 11.14
C18 GYN J . 24.05 -14.79 8.88
C21 GYN J . 24.87 -13.85 8.01
C43 GYN J . 23.97 -13.16 6.99
C47 GYN J . 24.72 -12.50 5.83
C48 GYN J . 23.76 -12.63 4.66
C49 GYN J . 24.39 -13.43 3.51
O43 GYN J . 23.03 -14.03 6.36
C37 GYN J . 22.53 -13.38 5.19
C36 GYN J . 21.40 -12.45 5.54
C38 GYN J . 20.49 -11.90 4.47
C35 GYN J . 21.21 -12.15 6.84
C34 GYN J . 20.14 -11.23 7.40
C33 GYN J . 20.27 -11.13 8.91
C32 GYN J . 21.43 -10.29 9.42
N31 GYN J . 22.13 -9.65 8.58
C30 GYN J . 23.49 -9.12 8.65
C46 GYN J . 24.08 -9.56 9.98
C28 GYN J . 23.09 -9.47 11.14
#